data_5SO3
#
_entry.id   5SO3
#
_cell.length_a   137.770
_cell.length_b   65.440
_cell.length_c   84.510
_cell.angle_alpha   90.000
_cell.angle_beta   93.680
_cell.angle_gamma   90.000
#
_symmetry.space_group_name_H-M   'C 1 2 1'
#
loop_
_entity.id
_entity.type
_entity.pdbx_description
1 polymer '3-oxoacyl-[acyl-carrier-protein] synthase 2'
2 non-polymer 'ethyl (2R,3S)-2-fluoro-3-hydroxy-3-(5-methyl-1,2-oxazol-3-yl)propanoate'
3 non-polymer 'DIMETHYL SULFOXIDE'
4 non-polymer 'PHOSPHATE ION'
5 water water
#
_entity_poly.entity_id   1
_entity_poly.type   'polypeptide(L)'
_entity_poly.pdbx_seq_one_letter_code
;MSRRRVVITGMGMLSPLGLDVPSSWEGILAGRSGIAPIEHMDLSAYSTRFGGSVKGFNVEEYLSAKEARKLDLFIQYGLA
ASFQAVRDSGLEVTDANRERIGVSMGSGIGGLTNIENNCRSLFEQGPRRISPFFVPGSIINMVSGFLSIHLGLQGPNYAL
TTAQTTGTHSIGMAARNIAYGEADVMVAGGSEMAACGLGLGGFGAARALSTRNDEPTRASRPWDRDRDGFVLSDGSGALV
LEELEHARARGARIYAELVGFGMSGDAFHMTAPPEDGAGAARCMKNALRDAGLDPRQVDYINAHGTSTPAGDIAEIAAVK
SVFGEHAHALSMSSTKSMTGHLLGAAGAVEAIFSVLALRDQVAPPTINLDNPDEGCDLDLVAHEAKPRKIDVALSNSFGF
GGTNGTLVFRRFAD
;
_entity_poly.pdbx_strand_id   A,B
#
loop_
_chem_comp.id
_chem_comp.type
_chem_comp.name
_chem_comp.formula
DMS non-polymer 'DIMETHYL SULFOXIDE' 'C2 H6 O S'
PO4 non-polymer 'PHOSPHATE ION' 'O4 P -3'
Q63 non-polymer 'ethyl (2R,3S)-2-fluoro-3-hydroxy-3-(5-methyl-1,2-oxazol-3-yl)propanoate' 'C9 H12 F N O4'
#
# COMPACT_ATOMS: atom_id res chain seq x y z
N SER A 2 6.48 -25.75 -1.11
CA SER A 2 5.24 -25.98 -1.94
C SER A 2 4.02 -25.30 -1.29
N ARG A 3 2.99 -24.96 -2.08
CA ARG A 3 1.92 -24.00 -1.66
C ARG A 3 1.06 -24.60 -0.55
N ARG A 4 0.98 -23.91 0.57
CA ARG A 4 0.18 -24.33 1.73
C ARG A 4 -1.25 -23.80 1.72
N ARG A 5 -2.13 -24.51 2.42
CA ARG A 5 -3.57 -24.10 2.55
C ARG A 5 -3.69 -23.04 3.63
N VAL A 6 -4.67 -22.15 3.47
CA VAL A 6 -4.87 -20.99 4.37
C VAL A 6 -6.30 -20.98 4.88
N VAL A 7 -6.44 -20.85 6.22
CA VAL A 7 -7.79 -20.83 6.83
C VAL A 7 -7.97 -19.55 7.66
N ILE A 8 -9.21 -19.23 7.96
CA ILE A 8 -9.57 -18.04 8.78
C ILE A 8 -9.90 -18.52 10.20
N THR A 9 -9.17 -18.02 11.19
CA THR A 9 -9.30 -18.43 12.61
C THR A 9 -9.77 -17.31 13.52
N GLY A 10 -9.84 -16.07 13.03
CA GLY A 10 -10.28 -14.96 13.88
C GLY A 10 -10.77 -13.82 13.00
N MET A 11 -11.78 -13.10 13.47
CA MET A 11 -12.31 -11.94 12.71
C MET A 11 -12.65 -10.80 13.66
N GLY A 12 -12.56 -9.57 13.18
CA GLY A 12 -12.89 -8.41 14.01
C GLY A 12 -13.36 -7.28 13.14
N MET A 13 -14.17 -6.38 13.67
CA MET A 13 -14.89 -5.39 12.84
C MET A 13 -15.35 -4.19 13.66
N LEU A 14 -15.26 -3.01 13.04
CA LEU A 14 -16.12 -1.86 13.38
C LEU A 14 -16.87 -1.51 12.10
N SER A 15 -18.17 -1.26 12.19
CA SER A 15 -18.93 -0.91 10.97
C SER A 15 -20.02 0.08 11.38
N PRO A 16 -20.72 0.66 10.39
CA PRO A 16 -21.93 1.44 10.70
C PRO A 16 -23.05 0.63 11.36
N LEU A 17 -22.94 -0.70 11.42
CA LEU A 17 -24.01 -1.55 12.02
C LEU A 17 -23.61 -2.08 13.41
N GLY A 18 -22.36 -1.90 13.80
CA GLY A 18 -21.94 -2.42 15.12
C GLY A 18 -20.47 -2.28 15.46
N LEU A 19 -20.17 -2.43 16.76
CA LEU A 19 -18.80 -2.23 17.28
C LEU A 19 -18.05 -3.56 17.32
N ASP A 20 -18.64 -4.60 16.76
CA ASP A 20 -17.95 -5.89 16.59
C ASP A 20 -18.61 -6.73 15.50
N VAL A 21 -18.06 -7.90 15.30
CA VAL A 21 -18.60 -8.76 14.22
C VAL A 21 -20.03 -9.21 14.50
N PRO A 22 -20.36 -9.87 15.64
CA PRO A 22 -21.72 -10.36 15.83
C PRO A 22 -22.81 -9.31 15.77
N SER A 23 -22.56 -8.14 16.36
CA SER A 23 -23.55 -7.04 16.32
C SER A 23 -23.71 -6.56 14.88
N SER A 24 -22.62 -6.43 14.13
CA SER A 24 -22.71 -6.02 12.72
C SER A 24 -23.52 -7.05 11.91
N TRP A 25 -23.19 -8.34 12.05
CA TRP A 25 -23.84 -9.44 11.30
C TRP A 25 -25.34 -9.55 11.63
N GLU A 26 -25.72 -9.34 12.89
N GLU A 26 -25.72 -9.35 12.91
CA GLU A 26 -27.16 -9.28 13.30
CA GLU A 26 -27.15 -9.26 13.31
C GLU A 26 -27.86 -8.18 12.48
C GLU A 26 -27.86 -8.19 12.45
N GLY A 27 -27.25 -7.01 12.33
CA GLY A 27 -27.84 -5.92 11.52
C GLY A 27 -27.96 -6.35 10.07
N ILE A 28 -26.92 -6.98 9.54
CA ILE A 28 -26.90 -7.43 8.13
C ILE A 28 -28.08 -8.38 7.90
N LEU A 29 -28.25 -9.36 8.77
CA LEU A 29 -29.31 -10.37 8.52
C LEU A 29 -30.69 -9.77 8.72
N ALA A 30 -30.79 -8.70 9.53
CA ALA A 30 -32.08 -8.05 9.80
C ALA A 30 -32.41 -6.99 8.73
N GLY A 31 -31.50 -6.70 7.81
CA GLY A 31 -31.81 -5.75 6.74
C GLY A 31 -31.68 -4.32 7.26
N ARG A 32 -30.93 -4.10 8.33
CA ARG A 32 -30.85 -2.78 8.98
C ARG A 32 -29.89 -1.87 8.21
N SER A 33 -30.22 -0.59 8.04
CA SER A 33 -29.32 0.46 7.50
C SER A 33 -28.48 1.07 8.62
N GLY A 34 -27.16 1.26 8.36
CA GLY A 34 -26.28 2.00 9.25
C GLY A 34 -26.10 3.45 8.82
N ILE A 35 -26.89 3.93 7.86
CA ILE A 35 -26.65 5.26 7.25
C ILE A 35 -27.53 6.32 7.90
N ALA A 36 -26.98 7.47 8.15
CA ALA A 36 -27.67 8.56 8.88
C ALA A 36 -26.95 9.88 8.61
N PRO A 37 -27.63 11.01 8.86
CA PRO A 37 -26.97 12.30 8.76
C PRO A 37 -25.77 12.29 9.68
N ILE A 38 -24.69 12.87 9.17
CA ILE A 38 -23.43 13.00 9.90
C ILE A 38 -23.59 14.06 10.98
N GLU A 39 -23.18 13.70 12.18
CA GLU A 39 -23.30 14.57 13.37
C GLU A 39 -21.98 15.31 13.68
N HIS A 40 -20.82 14.77 13.29
CA HIS A 40 -19.49 15.23 13.78
C HIS A 40 -19.11 16.61 13.21
N MET A 41 -19.74 17.07 12.12
CA MET A 41 -19.36 18.34 11.47
C MET A 41 -20.58 19.00 10.81
N ASP A 42 -20.50 20.32 10.61
CA ASP A 42 -21.46 21.15 9.83
C ASP A 42 -21.25 20.95 8.32
N LEU A 43 -22.15 20.21 7.68
CA LEU A 43 -22.08 19.91 6.23
C LEU A 43 -23.13 20.72 5.46
N SER A 44 -23.59 21.87 5.97
CA SER A 44 -24.65 22.62 5.26
C SER A 44 -24.20 23.10 3.86
N ALA A 45 -22.90 23.36 3.62
CA ALA A 45 -22.35 23.80 2.32
C ALA A 45 -22.07 22.61 1.37
N TYR A 46 -22.25 21.37 1.85
CA TYR A 46 -21.89 20.15 1.07
C TYR A 46 -23.13 19.58 0.37
N SER A 47 -22.93 18.96 -0.79
CA SER A 47 -24.03 18.33 -1.53
C SER A 47 -24.47 16.98 -0.93
N THR A 48 -23.63 16.36 -0.07
CA THR A 48 -23.93 15.09 0.64
C THR A 48 -23.68 15.34 2.13
N ARG A 49 -24.64 15.05 2.98
CA ARG A 49 -24.59 15.40 4.42
C ARG A 49 -24.81 14.18 5.31
N PHE A 50 -24.66 12.98 4.76
CA PHE A 50 -24.94 11.71 5.47
C PHE A 50 -23.84 10.72 5.08
N GLY A 51 -23.84 9.60 5.79
CA GLY A 51 -22.86 8.53 5.54
C GLY A 51 -23.04 7.45 6.58
N GLY A 52 -22.17 6.44 6.53
CA GLY A 52 -22.16 5.38 7.56
C GLY A 52 -21.09 5.62 8.58
N SER A 53 -21.44 6.18 9.72
CA SER A 53 -20.50 6.47 10.83
C SER A 53 -20.43 5.27 11.76
N VAL A 54 -19.29 5.08 12.42
CA VAL A 54 -19.21 4.14 13.55
C VAL A 54 -19.83 4.88 14.74
N LYS A 55 -20.81 4.27 15.39
CA LYS A 55 -21.55 4.95 16.47
C LYS A 55 -21.02 4.46 17.80
N GLY A 56 -20.61 5.41 18.64
CA GLY A 56 -20.31 5.12 20.05
C GLY A 56 -19.02 4.33 20.22
N PHE A 57 -18.08 4.46 19.29
CA PHE A 57 -16.76 3.83 19.39
C PHE A 57 -16.06 4.30 20.66
N ASN A 58 -15.61 3.35 21.46
CA ASN A 58 -14.83 3.68 22.69
C ASN A 58 -13.42 3.15 22.52
N VAL A 59 -12.51 4.04 22.14
CA VAL A 59 -11.09 3.65 21.90
C VAL A 59 -10.46 3.20 23.22
N GLU A 60 -10.97 3.63 24.36
CA GLU A 60 -10.43 3.17 25.66
C GLU A 60 -10.87 1.75 26.04
N GLU A 61 -11.57 0.99 25.17
CA GLU A 61 -11.67 -0.49 25.26
C GLU A 61 -10.39 -1.14 24.74
N TYR A 62 -9.50 -0.38 24.10
CA TYR A 62 -8.37 -0.93 23.31
C TYR A 62 -7.06 -0.24 23.66
N LEU A 63 -7.03 1.08 23.79
CA LEU A 63 -5.81 1.88 23.86
C LEU A 63 -5.95 2.92 24.97
N SER A 64 -4.84 3.28 25.60
CA SER A 64 -4.80 4.42 26.55
C SER A 64 -5.20 5.71 25.84
N ALA A 65 -5.88 6.61 26.53
CA ALA A 65 -6.28 7.92 25.95
C ALA A 65 -4.98 8.63 25.51
N LYS A 66 -3.87 8.40 26.20
CA LYS A 66 -2.59 9.09 25.88
C LYS A 66 -2.16 8.75 24.45
N GLU A 67 -2.23 7.47 24.09
N GLU A 67 -2.21 7.48 24.10
CA GLU A 67 -1.81 6.96 22.74
CA GLU A 67 -1.85 6.98 22.75
C GLU A 67 -2.91 7.22 21.71
C GLU A 67 -2.94 7.38 21.74
N ALA A 68 -4.19 7.11 22.08
CA ALA A 68 -5.32 7.32 21.14
C ALA A 68 -5.27 8.75 20.58
N ARG A 69 -4.94 9.73 21.43
N ARG A 69 -4.92 9.73 21.41
CA ARG A 69 -4.87 11.17 21.07
CA ARG A 69 -4.91 11.17 21.02
C ARG A 69 -3.89 11.40 19.91
C ARG A 69 -3.86 11.43 19.93
N LYS A 70 -2.88 10.54 19.75
CA LYS A 70 -1.81 10.69 18.72
C LYS A 70 -2.24 10.09 17.36
N LEU A 71 -3.32 9.33 17.28
CA LEU A 71 -3.62 8.41 16.14
C LEU A 71 -4.88 8.89 15.43
N ASP A 72 -4.82 9.01 14.10
CA ASP A 72 -6.07 9.22 13.34
C ASP A 72 -7.09 8.13 13.62
N LEU A 73 -8.37 8.49 13.52
CA LEU A 73 -9.45 7.53 13.65
C LEU A 73 -9.22 6.30 12.76
N PHE A 74 -8.73 6.42 11.52
CA PHE A 74 -8.60 5.18 10.70
C PHE A 74 -7.60 4.22 11.38
N ILE A 75 -6.58 4.73 12.09
CA ILE A 75 -5.65 3.82 12.82
C ILE A 75 -6.39 3.24 14.01
N GLN A 76 -7.10 4.07 14.80
CA GLN A 76 -7.82 3.53 15.95
C GLN A 76 -8.79 2.43 15.52
N TYR A 77 -9.49 2.62 14.39
CA TYR A 77 -10.46 1.61 13.92
C TYR A 77 -9.74 0.32 13.49
N GLY A 78 -8.63 0.47 12.80
CA GLY A 78 -7.89 -0.70 12.29
C GLY A 78 -7.26 -1.47 13.43
N LEU A 79 -6.78 -0.77 14.46
CA LEU A 79 -6.27 -1.47 15.67
C LEU A 79 -7.41 -2.15 16.41
N ALA A 80 -8.59 -1.51 16.57
CA ALA A 80 -9.71 -2.16 17.28
C ALA A 80 -10.05 -3.48 16.57
N ALA A 81 -10.25 -3.41 15.25
CA ALA A 81 -10.67 -4.64 14.52
C ALA A 81 -9.57 -5.72 14.62
N SER A 82 -8.32 -5.32 14.50
CA SER A 82 -7.14 -6.22 14.62
C SER A 82 -7.11 -6.88 16.00
N PHE A 83 -7.20 -6.08 17.06
CA PHE A 83 -7.25 -6.69 18.40
C PHE A 83 -8.39 -7.69 18.54
N GLN A 84 -9.59 -7.35 18.07
CA GLN A 84 -10.73 -8.29 18.12
C GLN A 84 -10.31 -9.60 17.45
N ALA A 85 -9.77 -9.51 16.24
CA ALA A 85 -9.49 -10.70 15.42
C ALA A 85 -8.44 -11.58 16.10
N VAL A 86 -7.42 -10.96 16.67
CA VAL A 86 -6.35 -11.74 17.35
C VAL A 86 -6.97 -12.43 18.56
N ARG A 87 -7.76 -11.72 19.36
N ARG A 87 -7.78 -11.73 19.36
CA ARG A 87 -8.43 -12.32 20.55
CA ARG A 87 -8.42 -12.34 20.56
C ARG A 87 -9.33 -13.48 20.08
C ARG A 87 -9.38 -13.46 20.13
N ASP A 88 -10.15 -13.24 19.05
CA ASP A 88 -11.10 -14.25 18.52
C ASP A 88 -10.35 -15.50 18.07
N SER A 89 -9.12 -15.35 17.59
CA SER A 89 -8.32 -16.49 17.07
C SER A 89 -7.89 -17.42 18.19
N GLY A 90 -7.69 -16.88 19.39
CA GLY A 90 -7.05 -17.63 20.51
C GLY A 90 -5.55 -17.81 20.37
N LEU A 91 -4.94 -17.20 19.34
CA LEU A 91 -3.48 -17.39 19.14
C LEU A 91 -2.71 -16.74 20.28
N GLU A 92 -1.66 -17.42 20.76
CA GLU A 92 -0.73 -16.83 21.75
C GLU A 92 0.59 -16.57 21.04
N VAL A 93 1.01 -15.32 21.06
CA VAL A 93 2.29 -14.83 20.47
C VAL A 93 3.41 -15.14 21.44
N THR A 94 4.43 -15.84 20.98
CA THR A 94 5.59 -16.29 21.82
C THR A 94 6.90 -15.95 21.12
N ASP A 95 8.02 -16.06 21.83
CA ASP A 95 9.33 -15.97 21.13
C ASP A 95 9.41 -17.04 20.04
N ALA A 96 8.77 -18.21 20.18
CA ALA A 96 8.86 -19.36 19.26
C ALA A 96 8.14 -19.05 17.94
N ASN A 97 7.19 -18.10 17.94
CA ASN A 97 6.36 -17.93 16.71
C ASN A 97 6.29 -16.47 16.30
N ARG A 98 6.83 -15.52 17.04
CA ARG A 98 6.57 -14.08 16.72
C ARG A 98 7.21 -13.69 15.39
N GLU A 99 8.25 -14.39 14.92
CA GLU A 99 8.88 -14.02 13.63
C GLU A 99 8.01 -14.55 12.50
N ARG A 100 7.04 -15.40 12.77
CA ARG A 100 6.21 -16.06 11.72
C ARG A 100 4.82 -15.45 11.65
N ILE A 101 4.60 -14.39 12.41
CA ILE A 101 3.27 -13.70 12.44
C ILE A 101 3.49 -12.28 11.93
N GLY A 102 2.76 -11.92 10.87
CA GLY A 102 2.85 -10.56 10.32
C GLY A 102 1.51 -9.87 10.22
N VAL A 103 1.50 -8.74 9.53
CA VAL A 103 0.28 -7.90 9.45
C VAL A 103 0.29 -7.16 8.11
N SER A 104 -0.87 -7.11 7.50
CA SER A 104 -1.12 -6.32 6.27
C SER A 104 -2.50 -5.72 6.39
N MET A 105 -2.55 -4.57 7.07
CA MET A 105 -3.81 -3.80 7.19
C MET A 105 -3.65 -2.56 6.31
N GLY A 106 -4.57 -2.37 5.37
CA GLY A 106 -4.45 -1.25 4.44
C GLY A 106 -5.51 -0.18 4.60
N SER A 107 -5.39 0.85 3.77
CA SER A 107 -6.41 1.92 3.70
C SER A 107 -6.37 2.55 2.34
N GLY A 108 -7.51 3.01 1.89
CA GLY A 108 -7.61 3.75 0.63
C GLY A 108 -7.02 5.14 0.78
N ILE A 109 -7.36 5.85 1.87
CA ILE A 109 -7.04 7.30 2.02
C ILE A 109 -6.26 7.60 3.32
N GLY A 110 -6.29 6.75 4.33
CA GLY A 110 -5.54 6.98 5.56
C GLY A 110 -6.07 8.17 6.32
N GLY A 111 -5.19 8.88 7.03
CA GLY A 111 -5.62 9.75 8.14
C GLY A 111 -6.06 11.12 7.64
N LEU A 112 -7.09 11.18 6.78
CA LEU A 112 -7.46 12.47 6.13
C LEU A 112 -7.94 13.48 7.16
N THR A 113 -8.63 13.07 8.22
CA THR A 113 -9.08 14.01 9.26
C THR A 113 -7.85 14.69 9.87
N ASN A 114 -6.87 13.88 10.27
CA ASN A 114 -5.65 14.43 10.91
C ASN A 114 -4.94 15.33 9.91
N ILE A 115 -4.92 14.93 8.63
CA ILE A 115 -4.21 15.74 7.61
C ILE A 115 -4.91 17.09 7.48
N GLU A 116 -6.23 17.09 7.39
CA GLU A 116 -7.02 18.32 7.22
C GLU A 116 -6.75 19.23 8.45
N ASN A 117 -6.75 18.66 9.63
CA ASN A 117 -6.61 19.43 10.89
C ASN A 117 -5.20 20.05 10.96
N ASN A 118 -4.17 19.31 10.56
CA ASN A 118 -2.80 19.84 10.51
C ASN A 118 -2.69 20.86 9.40
N CYS A 119 -3.39 20.66 8.27
CA CYS A 119 -3.35 21.64 7.17
C CYS A 119 -3.94 22.97 7.69
N ARG A 120 -5.00 22.91 8.48
CA ARG A 120 -5.71 24.08 9.06
C ARG A 120 -4.72 24.81 9.99
N SER A 121 -4.05 24.06 10.86
CA SER A 121 -2.97 24.61 11.74
C SER A 121 -1.88 25.31 10.91
N LEU A 122 -1.36 24.68 9.85
CA LEU A 122 -0.29 25.23 9.02
C LEU A 122 -0.77 26.58 8.45
N PHE A 123 -1.96 26.61 7.89
CA PHE A 123 -2.42 27.78 7.09
C PHE A 123 -2.84 28.92 8.03
N GLU A 124 -3.45 28.60 9.17
CA GLU A 124 -4.04 29.64 10.05
C GLU A 124 -2.96 30.14 11.00
N GLN A 125 -2.05 29.26 11.44
CA GLN A 125 -1.10 29.61 12.52
C GLN A 125 0.33 29.62 11.99
N GLY A 126 0.76 28.52 11.36
CA GLY A 126 2.13 28.34 10.89
C GLY A 126 2.61 26.92 11.13
N PRO A 127 3.78 26.59 10.54
CA PRO A 127 4.33 25.24 10.62
C PRO A 127 4.67 24.83 12.06
N ARG A 128 4.93 25.80 12.97
CA ARG A 128 5.31 25.48 14.37
C ARG A 128 4.12 24.85 15.12
N ARG A 129 2.90 24.91 14.56
CA ARG A 129 1.71 24.32 15.18
C ARG A 129 1.33 22.96 14.58
N ILE A 130 2.09 22.45 13.61
CA ILE A 130 1.87 21.05 13.13
C ILE A 130 2.28 20.10 14.25
N SER A 131 1.45 19.11 14.53
CA SER A 131 1.73 18.11 15.59
C SER A 131 3.03 17.36 15.31
N PRO A 132 3.89 17.14 16.32
CA PRO A 132 5.02 16.22 16.18
C PRO A 132 4.61 14.79 15.79
N PHE A 133 3.38 14.39 16.06
CA PHE A 133 2.85 13.03 15.79
C PHE A 133 2.11 13.02 14.44
N PHE A 134 2.14 14.12 13.69
CA PHE A 134 1.32 14.26 12.44
C PHE A 134 1.64 13.11 11.47
N VAL A 135 2.92 12.87 11.17
CA VAL A 135 3.28 11.83 10.16
C VAL A 135 2.97 10.42 10.66
N PRO A 136 3.56 9.94 11.79
CA PRO A 136 3.29 8.58 12.23
C PRO A 136 1.82 8.35 12.63
N GLY A 137 1.06 9.40 12.95
CA GLY A 137 -0.38 9.28 13.32
C GLY A 137 -1.35 9.35 12.14
N SER A 138 -0.85 9.50 10.91
CA SER A 138 -1.69 9.71 9.70
C SER A 138 -1.34 8.74 8.58
N ILE A 139 -0.12 8.26 8.50
CA ILE A 139 0.33 7.50 7.27
C ILE A 139 -0.25 6.09 7.31
N ILE A 140 -0.50 5.53 6.12
CA ILE A 140 -1.36 4.33 5.98
C ILE A 140 -0.77 3.09 6.64
N ASN A 141 0.56 2.96 6.64
CA ASN A 141 1.21 1.73 7.14
C ASN A 141 1.23 1.66 8.67
N MET A 142 0.64 2.63 9.35
CA MET A 142 0.81 2.64 10.83
C MET A 142 -0.25 1.81 11.54
N VAL A 143 -1.30 1.23 10.90
CA VAL A 143 -2.09 0.16 11.55
C VAL A 143 -1.16 -1.04 11.69
N SER A 144 -0.56 -1.47 10.57
CA SER A 144 0.43 -2.59 10.59
C SER A 144 1.56 -2.29 11.60
N GLY A 145 2.04 -1.08 11.61
CA GLY A 145 3.16 -0.70 12.48
C GLY A 145 2.75 -0.77 13.95
N PHE A 146 1.68 -0.06 14.33
CA PHE A 146 1.29 -0.01 15.76
C PHE A 146 0.81 -1.39 16.22
N LEU A 147 0.14 -2.18 15.38
CA LEU A 147 -0.32 -3.51 15.81
C LEU A 147 0.93 -4.34 16.14
N SER A 148 1.94 -4.28 15.27
N SER A 148 1.93 -4.31 15.25
CA SER A 148 3.19 -5.07 15.44
CA SER A 148 3.22 -5.01 15.39
C SER A 148 3.87 -4.69 16.75
C SER A 148 3.84 -4.68 16.74
N ILE A 149 3.88 -3.39 17.07
CA ILE A 149 4.54 -2.86 18.29
C ILE A 149 3.78 -3.39 19.50
N HIS A 150 2.44 -3.29 19.48
CA HIS A 150 1.62 -3.64 20.69
C HIS A 150 1.61 -5.16 20.93
N LEU A 151 1.60 -6.00 19.86
CA LEU A 151 1.51 -7.47 20.04
C LEU A 151 2.86 -8.20 19.89
N GLY A 152 3.90 -7.53 19.40
CA GLY A 152 5.26 -8.07 19.17
C GLY A 152 5.32 -8.94 17.92
N LEU A 153 4.60 -8.55 16.85
CA LEU A 153 4.60 -9.32 15.59
C LEU A 153 5.80 -8.94 14.73
N GLN A 154 6.66 -9.93 14.41
CA GLN A 154 7.95 -9.63 13.76
C GLN A 154 8.00 -10.15 12.32
N GLY A 155 6.92 -10.76 11.86
CA GLY A 155 6.75 -11.24 10.47
C GLY A 155 6.61 -10.08 9.47
N PRO A 156 6.33 -10.42 8.20
CA PRO A 156 6.10 -9.40 7.19
C PRO A 156 5.12 -8.34 7.72
N ASN A 157 5.52 -7.11 7.49
CA ASN A 157 4.80 -5.92 8.02
C ASN A 157 4.65 -4.97 6.85
N TYR A 158 3.45 -4.82 6.32
CA TYR A 158 3.26 -3.91 5.18
C TYR A 158 1.82 -3.42 5.13
N ALA A 159 1.56 -2.61 4.12
CA ALA A 159 0.21 -2.07 3.88
C ALA A 159 0.05 -1.89 2.38
N LEU A 160 -1.13 -2.23 1.92
CA LEU A 160 -1.58 -1.91 0.55
C LEU A 160 -2.45 -0.66 0.53
N THR A 161 -2.43 0.01 -0.59
CA THR A 161 -3.39 1.11 -0.85
C THR A 161 -3.82 0.99 -2.30
N THR A 162 -4.98 0.39 -2.53
CA THR A 162 -5.55 0.16 -3.88
C THR A 162 -6.99 0.65 -3.83
N ALA A 163 -7.18 1.82 -3.24
CA ALA A 163 -8.49 2.51 -3.24
C ALA A 163 -9.55 1.52 -2.75
N GLN A 164 -10.68 1.40 -3.45
CA GLN A 164 -11.82 0.58 -2.98
C GLN A 164 -11.55 -0.91 -3.07
N THR A 165 -10.37 -1.32 -3.52
CA THR A 165 -10.00 -2.76 -3.63
C THR A 165 -9.10 -3.15 -2.45
N THR A 166 -8.68 -2.17 -1.65
CA THR A 166 -7.59 -2.37 -0.67
C THR A 166 -7.84 -3.58 0.24
N GLY A 167 -8.99 -3.68 0.82
CA GLY A 167 -9.21 -4.75 1.83
C GLY A 167 -9.12 -6.15 1.23
N THR A 168 -9.58 -6.32 0.02
CA THR A 168 -9.55 -7.62 -0.69
C THR A 168 -8.13 -7.96 -1.08
N HIS A 169 -7.42 -6.99 -1.65
CA HIS A 169 -6.00 -7.20 -1.99
C HIS A 169 -5.20 -7.50 -0.72
N SER A 170 -5.50 -6.82 0.38
CA SER A 170 -4.71 -7.05 1.61
C SER A 170 -4.87 -8.49 2.07
N ILE A 171 -6.09 -8.98 2.11
CA ILE A 171 -6.37 -10.37 2.54
C ILE A 171 -5.73 -11.36 1.56
N GLY A 172 -5.92 -11.17 0.26
CA GLY A 172 -5.34 -12.14 -0.68
C GLY A 172 -3.85 -12.23 -0.64
N MET A 173 -3.16 -11.07 -0.62
N MET A 173 -3.15 -11.09 -0.57
CA MET A 173 -1.68 -11.06 -0.62
CA MET A 173 -1.66 -11.09 -0.61
C MET A 173 -1.18 -11.65 0.71
C MET A 173 -1.08 -11.54 0.74
N ALA A 174 -1.80 -11.30 1.84
CA ALA A 174 -1.46 -11.94 3.12
C ALA A 174 -1.63 -13.45 3.02
N ALA A 175 -2.68 -13.97 2.36
CA ALA A 175 -2.84 -15.43 2.19
C ALA A 175 -1.70 -15.97 1.35
N ARG A 176 -1.25 -15.23 0.33
CA ARG A 176 -0.11 -15.73 -0.50
C ARG A 176 1.16 -15.77 0.36
N ASN A 177 1.40 -14.80 1.24
CA ASN A 177 2.56 -14.84 2.16
C ASN A 177 2.56 -16.18 2.89
N ILE A 178 1.42 -16.61 3.41
CA ILE A 178 1.30 -17.85 4.19
C ILE A 178 1.45 -19.04 3.25
N ALA A 179 0.75 -19.00 2.12
CA ALA A 179 0.79 -20.12 1.14
C ALA A 179 2.23 -20.43 0.77
N TYR A 180 3.04 -19.40 0.50
CA TYR A 180 4.42 -19.53 -0.04
C TYR A 180 5.45 -19.73 1.09
N GLY A 181 5.03 -19.71 2.36
CA GLY A 181 5.92 -19.97 3.50
C GLY A 181 6.65 -18.78 4.06
N GLU A 182 6.26 -17.54 3.71
CA GLU A 182 6.89 -16.28 4.20
C GLU A 182 6.36 -15.99 5.62
N ALA A 183 5.22 -16.57 5.98
CA ALA A 183 4.61 -16.45 7.32
C ALA A 183 3.74 -17.66 7.58
N ASP A 184 3.41 -17.90 8.84
CA ASP A 184 2.42 -18.90 9.25
C ASP A 184 1.09 -18.24 9.59
N VAL A 185 1.11 -16.99 10.04
CA VAL A 185 -0.09 -16.26 10.49
C VAL A 185 0.04 -14.83 9.96
N MET A 186 -1.08 -14.26 9.48
CA MET A 186 -1.13 -12.84 9.12
C MET A 186 -2.43 -12.27 9.65
N VAL A 187 -2.36 -11.05 10.18
CA VAL A 187 -3.59 -10.27 10.42
C VAL A 187 -3.75 -9.36 9.21
N ALA A 188 -4.89 -9.42 8.54
CA ALA A 188 -5.02 -8.70 7.28
C ALA A 188 -6.42 -8.15 7.15
N GLY A 189 -6.52 -7.08 6.40
CA GLY A 189 -7.81 -6.37 6.22
C GLY A 189 -7.57 -4.91 5.89
N GLY A 190 -8.48 -4.04 6.36
CA GLY A 190 -8.36 -2.62 6.08
C GLY A 190 -9.19 -1.76 7.00
N SER A 191 -8.93 -0.46 6.95
CA SER A 191 -9.66 0.52 7.79
C SER A 191 -9.76 1.83 7.02
N GLU A 192 -10.79 2.59 7.33
CA GLU A 192 -11.04 3.85 6.61
C GLU A 192 -11.87 4.77 7.49
N MET A 193 -11.50 6.05 7.50
N MET A 193 -11.51 6.06 7.47
CA MET A 193 -12.36 7.14 8.03
CA MET A 193 -12.29 7.17 8.06
C MET A 193 -12.07 8.39 7.19
C MET A 193 -12.05 8.40 7.19
N ALA A 194 -12.82 8.51 6.09
CA ALA A 194 -12.59 9.59 5.12
C ALA A 194 -13.64 10.68 5.29
N ALA A 195 -14.49 10.61 6.32
CA ALA A 195 -15.63 11.55 6.50
C ALA A 195 -15.15 12.78 7.24
N CYS A 196 -14.36 13.57 6.54
CA CYS A 196 -14.02 14.96 6.92
C CYS A 196 -14.38 15.84 5.72
N GLY A 197 -14.24 17.17 5.84
CA GLY A 197 -14.58 18.09 4.74
C GLY A 197 -13.84 17.76 3.45
N LEU A 198 -12.54 17.44 3.53
CA LEU A 198 -11.75 17.09 2.34
C LEU A 198 -12.34 15.86 1.67
N GLY A 199 -12.74 14.85 2.45
CA GLY A 199 -13.26 13.60 1.87
C GLY A 199 -14.66 13.75 1.28
N LEU A 200 -15.59 14.28 2.06
CA LEU A 200 -16.98 14.49 1.59
C LEU A 200 -16.95 15.50 0.43
N GLY A 201 -16.12 16.53 0.55
CA GLY A 201 -15.95 17.57 -0.49
C GLY A 201 -15.32 16.98 -1.74
N GLY A 202 -14.27 16.16 -1.58
CA GLY A 202 -13.55 15.59 -2.74
C GLY A 202 -14.40 14.61 -3.53
N PHE A 203 -15.09 13.69 -2.87
CA PHE A 203 -15.99 12.74 -3.56
C PHE A 203 -17.19 13.51 -4.12
N GLY A 204 -17.62 14.54 -3.39
CA GLY A 204 -18.70 15.44 -3.83
C GLY A 204 -18.34 16.16 -5.11
N ALA A 205 -17.11 16.65 -5.20
CA ALA A 205 -16.67 17.42 -6.38
C ALA A 205 -16.67 16.52 -7.62
N ALA A 206 -16.43 15.22 -7.41
CA ALA A 206 -16.47 14.22 -8.52
C ALA A 206 -17.90 13.78 -8.84
N ARG A 207 -18.88 14.28 -8.08
CA ARG A 207 -20.30 13.91 -8.20
C ARG A 207 -20.48 12.38 -8.12
N ALA A 208 -19.61 11.70 -7.37
CA ALA A 208 -19.59 10.23 -7.15
C ALA A 208 -20.63 9.81 -6.10
N LEU A 209 -21.03 10.72 -5.21
CA LEU A 209 -21.83 10.35 -4.02
C LEU A 209 -23.32 10.45 -4.30
N SER A 210 -24.11 9.58 -3.70
CA SER A 210 -25.56 9.84 -3.57
C SER A 210 -25.77 11.19 -2.91
N THR A 211 -26.79 11.93 -3.38
CA THR A 211 -27.22 13.19 -2.76
C THR A 211 -28.63 13.07 -2.17
N ARG A 212 -29.03 11.87 -1.73
CA ARG A 212 -30.37 11.59 -1.11
C ARG A 212 -30.38 12.02 0.36
N ASN A 213 -30.15 13.32 0.61
CA ASN A 213 -29.98 13.85 1.97
C ASN A 213 -31.26 13.68 2.79
N ASP A 214 -32.40 13.73 2.11
CA ASP A 214 -33.70 13.74 2.80
C ASP A 214 -34.16 12.31 3.12
N GLU A 215 -33.45 11.27 2.69
CA GLU A 215 -33.82 9.88 3.03
C GLU A 215 -32.55 9.02 3.06
N PRO A 216 -31.60 9.31 3.98
CA PRO A 216 -30.32 8.57 3.98
C PRO A 216 -30.39 7.04 3.95
N THR A 217 -31.32 6.39 4.63
CA THR A 217 -31.35 4.91 4.72
C THR A 217 -31.72 4.32 3.36
N ARG A 218 -32.29 5.13 2.46
CA ARG A 218 -32.70 4.62 1.13
C ARG A 218 -31.70 5.05 0.07
N ALA A 219 -30.57 5.68 0.43
CA ALA A 219 -29.64 6.23 -0.57
C ALA A 219 -28.86 5.13 -1.30
N SER A 220 -28.35 4.16 -0.54
CA SER A 220 -27.57 3.04 -1.07
C SER A 220 -28.56 1.97 -1.61
N ARG A 221 -28.63 1.84 -2.90
CA ARG A 221 -29.68 1.00 -3.53
C ARG A 221 -29.12 0.29 -4.75
N PRO A 222 -28.11 -0.58 -4.52
CA PRO A 222 -27.44 -1.25 -5.62
C PRO A 222 -28.37 -1.98 -6.62
N TRP A 223 -28.15 -1.72 -7.91
CA TRP A 223 -28.95 -2.29 -9.05
C TRP A 223 -30.35 -1.69 -9.11
N ASP A 224 -30.75 -0.82 -8.17
CA ASP A 224 -32.06 -0.14 -8.25
C ASP A 224 -32.01 0.93 -9.34
N ARG A 225 -33.09 1.09 -10.12
CA ARG A 225 -33.14 2.09 -11.23
C ARG A 225 -32.97 3.52 -10.72
N ASP A 226 -33.25 3.82 -9.44
CA ASP A 226 -33.20 5.20 -8.88
C ASP A 226 -31.90 5.42 -8.08
N ARG A 227 -30.90 4.56 -8.23
CA ARG A 227 -29.58 4.80 -7.57
C ARG A 227 -28.90 6.02 -8.16
N ASP A 228 -28.11 6.73 -7.34
CA ASP A 228 -27.45 7.99 -7.76
C ASP A 228 -26.07 8.13 -7.13
N GLY A 229 -25.37 7.02 -6.91
CA GLY A 229 -23.98 7.06 -6.44
C GLY A 229 -23.78 6.42 -5.07
N PHE A 230 -22.52 6.32 -4.63
CA PHE A 230 -22.20 5.56 -3.41
C PHE A 230 -22.44 6.42 -2.17
N VAL A 231 -22.51 5.70 -1.06
CA VAL A 231 -22.63 6.29 0.30
C VAL A 231 -21.32 6.04 1.01
N LEU A 232 -20.74 7.11 1.53
CA LEU A 232 -19.41 7.03 2.18
C LEU A 232 -19.57 6.52 3.61
N SER A 233 -18.77 5.50 3.96
CA SER A 233 -18.86 4.84 5.27
C SER A 233 -17.47 4.55 5.84
N ASP A 234 -17.47 4.41 7.15
CA ASP A 234 -16.24 4.32 7.96
C ASP A 234 -16.23 2.96 8.66
N GLY A 235 -15.04 2.49 8.99
CA GLY A 235 -14.86 1.35 9.86
C GLY A 235 -13.65 0.53 9.48
N SER A 236 -13.70 -0.75 9.81
N SER A 236 -13.64 -0.73 9.89
CA SER A 236 -12.52 -1.64 9.73
CA SER A 236 -12.48 -1.63 9.69
C SER A 236 -12.97 -3.11 9.74
C SER A 236 -12.92 -3.09 9.78
N GLY A 237 -12.23 -3.96 9.02
CA GLY A 237 -12.35 -5.40 9.12
C GLY A 237 -10.92 -5.95 9.24
N ALA A 238 -10.76 -6.95 10.08
CA ALA A 238 -9.47 -7.68 10.19
C ALA A 238 -9.79 -9.17 10.32
N LEU A 239 -8.96 -9.97 9.67
CA LEU A 239 -9.02 -11.43 9.74
C LEU A 239 -7.65 -11.93 10.15
N VAL A 240 -7.67 -12.96 10.99
CA VAL A 240 -6.47 -13.79 11.22
C VAL A 240 -6.49 -14.95 10.22
N LEU A 241 -5.53 -14.92 9.32
CA LEU A 241 -5.25 -15.96 8.32
C LEU A 241 -4.16 -16.84 8.94
N GLU A 242 -4.29 -18.13 8.71
CA GLU A 242 -3.34 -19.06 9.35
C GLU A 242 -3.13 -20.28 8.46
N GLU A 243 -1.91 -20.76 8.41
CA GLU A 243 -1.65 -21.98 7.64
C GLU A 243 -2.43 -23.14 8.26
N LEU A 244 -2.97 -24.03 7.42
CA LEU A 244 -3.94 -25.05 7.84
C LEU A 244 -3.31 -25.96 8.91
N GLU A 245 -2.10 -26.49 8.68
CA GLU A 245 -1.49 -27.45 9.64
C GLU A 245 -1.16 -26.74 10.96
N HIS A 246 -0.76 -25.48 10.89
CA HIS A 246 -0.52 -24.63 12.09
C HIS A 246 -1.82 -24.55 12.90
N ALA A 247 -2.93 -24.26 12.23
CA ALA A 247 -4.25 -24.12 12.89
C ALA A 247 -4.67 -25.46 13.51
N ARG A 248 -4.54 -26.54 12.77
CA ARG A 248 -4.89 -27.90 13.24
C ARG A 248 -4.03 -28.25 14.46
N ALA A 249 -2.74 -27.96 14.41
CA ALA A 249 -1.76 -28.36 15.46
C ALA A 249 -2.20 -27.75 16.80
N ARG A 250 -2.72 -26.52 16.79
CA ARG A 250 -3.04 -25.80 18.06
C ARG A 250 -4.51 -25.94 18.43
N GLY A 251 -5.29 -26.68 17.66
CA GLY A 251 -6.72 -26.94 17.85
C GLY A 251 -7.56 -25.68 17.61
N ALA A 252 -7.18 -24.87 16.65
CA ALA A 252 -7.88 -23.59 16.40
C ALA A 252 -9.28 -23.92 15.89
N ARG A 253 -10.23 -23.05 16.21
CA ARG A 253 -11.54 -23.03 15.54
C ARG A 253 -11.34 -22.41 14.16
N ILE A 254 -11.70 -23.14 13.13
CA ILE A 254 -11.57 -22.64 11.74
C ILE A 254 -12.94 -22.21 11.22
N TYR A 255 -13.09 -20.98 10.78
CA TYR A 255 -14.38 -20.49 10.22
C TYR A 255 -14.60 -21.01 8.80
N ALA A 256 -13.55 -21.04 7.98
CA ALA A 256 -13.65 -21.30 6.54
C ALA A 256 -12.24 -21.32 5.97
N GLU A 257 -12.11 -21.83 4.76
CA GLU A 257 -10.81 -21.89 4.05
C GLU A 257 -10.80 -20.81 2.96
N LEU A 258 -9.67 -20.12 2.82
N LEU A 258 -9.66 -20.15 2.79
CA LEU A 258 -9.43 -19.16 1.71
CA LEU A 258 -9.43 -19.16 1.71
C LEU A 258 -8.76 -19.95 0.59
C LEU A 258 -8.75 -19.90 0.57
N VAL A 259 -9.52 -20.28 -0.46
CA VAL A 259 -9.04 -21.16 -1.55
C VAL A 259 -8.60 -20.44 -2.82
N GLY A 260 -9.04 -19.19 -3.02
CA GLY A 260 -8.68 -18.49 -4.27
C GLY A 260 -8.54 -17.01 -4.09
N PHE A 261 -7.65 -16.45 -4.90
CA PHE A 261 -7.46 -15.00 -4.99
C PHE A 261 -7.13 -14.68 -6.42
N GLY A 262 -7.80 -13.65 -6.89
CA GLY A 262 -7.57 -13.09 -8.20
C GLY A 262 -7.34 -11.60 -8.12
N MET A 263 -6.48 -11.14 -9.03
CA MET A 263 -6.25 -9.73 -9.31
C MET A 263 -6.26 -9.56 -10.83
N SER A 264 -6.65 -8.38 -11.25
CA SER A 264 -6.50 -7.99 -12.65
C SER A 264 -6.59 -6.48 -12.69
N GLY A 265 -6.06 -5.86 -13.74
CA GLY A 265 -6.27 -4.45 -14.09
C GLY A 265 -7.20 -4.32 -15.29
N ASP A 266 -8.12 -3.41 -15.24
CA ASP A 266 -9.03 -3.08 -16.37
C ASP A 266 -8.21 -2.51 -17.53
N ALA A 267 -7.25 -1.65 -17.20
CA ALA A 267 -6.51 -0.83 -18.18
C ALA A 267 -7.49 -0.01 -19.02
N PHE A 268 -8.57 0.51 -18.41
CA PHE A 268 -9.66 1.19 -19.17
C PHE A 268 -9.72 2.68 -18.84
N HIS A 269 -9.93 3.03 -17.57
CA HIS A 269 -10.25 4.42 -17.15
C HIS A 269 -9.85 4.64 -15.68
N MET A 270 -9.42 5.86 -15.37
CA MET A 270 -8.94 6.19 -14.01
C MET A 270 -10.03 5.92 -12.99
N THR A 271 -11.33 6.19 -13.25
CA THR A 271 -12.40 6.06 -12.22
C THR A 271 -13.59 5.20 -12.66
N ALA A 272 -13.85 5.07 -13.95
CA ALA A 272 -15.04 4.42 -14.53
C ALA A 272 -14.68 2.96 -14.83
N PRO A 273 -15.57 2.00 -14.51
CA PRO A 273 -15.40 0.61 -14.90
C PRO A 273 -15.89 0.43 -16.32
N PRO A 274 -15.32 -0.45 -17.15
CA PRO A 274 -15.88 -0.70 -18.48
C PRO A 274 -17.30 -1.25 -18.32
N GLU A 275 -18.21 -0.91 -19.24
CA GLU A 275 -19.65 -1.28 -19.19
C GLU A 275 -19.85 -2.82 -19.18
N ASP A 276 -18.97 -3.57 -19.84
CA ASP A 276 -19.07 -5.04 -20.01
C ASP A 276 -18.41 -5.77 -18.83
N GLY A 277 -17.80 -5.03 -17.89
CA GLY A 277 -17.13 -5.63 -16.72
C GLY A 277 -16.01 -6.59 -17.09
N ALA A 278 -15.29 -6.34 -18.18
CA ALA A 278 -14.26 -7.28 -18.67
C ALA A 278 -13.14 -7.52 -17.64
N GLY A 279 -12.66 -6.48 -16.98
CA GLY A 279 -11.57 -6.66 -15.99
C GLY A 279 -12.07 -7.45 -14.79
N ALA A 280 -13.29 -7.19 -14.35
CA ALA A 280 -13.94 -7.91 -13.22
C ALA A 280 -14.10 -9.41 -13.61
N ALA A 281 -14.51 -9.68 -14.85
CA ALA A 281 -14.61 -11.08 -15.32
C ALA A 281 -13.24 -11.75 -15.33
N ARG A 282 -12.20 -11.07 -15.78
CA ARG A 282 -10.85 -11.66 -15.85
C ARG A 282 -10.42 -11.99 -14.41
N CYS A 283 -10.70 -11.06 -13.50
CA CYS A 283 -10.31 -11.22 -12.08
C CYS A 283 -11.01 -12.44 -11.46
N MET A 284 -12.31 -12.54 -11.67
CA MET A 284 -13.05 -13.69 -11.09
C MET A 284 -12.50 -14.99 -11.69
N LYS A 285 -12.30 -15.02 -13.00
CA LYS A 285 -11.80 -16.26 -13.62
C LYS A 285 -10.43 -16.65 -13.06
N ASN A 286 -9.56 -15.68 -12.85
CA ASN A 286 -8.24 -15.95 -12.21
C ASN A 286 -8.48 -16.60 -10.84
N ALA A 287 -9.37 -16.02 -10.02
CA ALA A 287 -9.66 -16.50 -8.66
C ALA A 287 -10.23 -17.92 -8.67
N LEU A 288 -11.16 -18.22 -9.59
CA LEU A 288 -11.80 -19.55 -9.67
C LEU A 288 -10.78 -20.59 -10.12
N ARG A 289 -9.93 -20.23 -11.06
CA ARG A 289 -8.85 -21.16 -11.51
C ARG A 289 -7.87 -21.37 -10.36
N ASP A 290 -7.49 -20.32 -9.62
CA ASP A 290 -6.59 -20.43 -8.44
C ASP A 290 -7.18 -21.40 -7.42
N ALA A 291 -8.52 -21.46 -7.27
CA ALA A 291 -9.20 -22.26 -6.23
C ALA A 291 -9.47 -23.66 -6.80
N GLY A 292 -9.13 -23.92 -8.06
CA GLY A 292 -9.31 -25.25 -8.64
C GLY A 292 -10.78 -25.61 -8.74
N LEU A 293 -11.66 -24.64 -9.05
CA LEU A 293 -13.12 -24.83 -9.01
C LEU A 293 -13.73 -24.92 -10.40
N ASP A 294 -14.84 -25.62 -10.47
CA ASP A 294 -15.87 -25.49 -11.51
C ASP A 294 -16.66 -24.24 -11.15
N PRO A 295 -16.85 -23.24 -12.03
CA PRO A 295 -17.62 -22.05 -11.66
C PRO A 295 -19.01 -22.39 -11.11
N ARG A 296 -19.60 -23.52 -11.52
CA ARG A 296 -20.92 -23.94 -10.98
C ARG A 296 -20.89 -24.23 -9.47
N GLN A 297 -19.72 -24.34 -8.84
CA GLN A 297 -19.61 -24.55 -7.38
C GLN A 297 -19.95 -23.25 -6.66
N VAL A 298 -19.82 -22.09 -7.30
CA VAL A 298 -20.10 -20.80 -6.58
C VAL A 298 -21.58 -20.70 -6.22
N ASP A 299 -21.88 -20.53 -4.93
CA ASP A 299 -23.26 -20.45 -4.43
C ASP A 299 -23.62 -19.01 -4.08
N TYR A 300 -22.67 -18.20 -3.61
CA TYR A 300 -22.99 -16.86 -3.08
C TYR A 300 -21.90 -15.91 -3.51
N ILE A 301 -22.26 -14.74 -4.02
CA ILE A 301 -21.29 -13.67 -4.32
C ILE A 301 -21.66 -12.43 -3.51
N ASN A 302 -20.71 -11.96 -2.69
CA ASN A 302 -20.84 -10.63 -2.05
C ASN A 302 -20.26 -9.66 -3.08
N ALA A 303 -21.14 -9.02 -3.82
CA ALA A 303 -20.75 -8.07 -4.87
C ALA A 303 -19.98 -6.89 -4.31
N HIS A 304 -19.31 -6.15 -5.18
CA HIS A 304 -18.84 -4.80 -4.80
C HIS A 304 -20.09 -3.93 -4.60
N GLY A 305 -20.95 -3.92 -5.62
CA GLY A 305 -22.31 -3.36 -5.45
C GLY A 305 -22.34 -1.97 -4.81
N THR A 306 -21.69 -0.98 -5.43
CA THR A 306 -21.46 0.38 -4.83
C THR A 306 -22.70 1.28 -4.90
N SER A 307 -23.70 0.96 -5.75
CA SER A 307 -24.87 1.87 -5.97
C SER A 307 -24.47 3.03 -6.90
N THR A 308 -23.48 2.84 -7.76
CA THR A 308 -23.18 3.74 -8.92
C THR A 308 -23.90 3.18 -10.14
N PRO A 309 -24.37 4.07 -11.03
CA PRO A 309 -24.97 3.62 -12.28
C PRO A 309 -24.09 2.65 -13.08
N ALA A 310 -22.83 2.99 -13.35
CA ALA A 310 -21.97 2.18 -14.24
C ALA A 310 -21.40 0.96 -13.50
N GLY A 311 -21.04 1.13 -12.22
CA GLY A 311 -20.39 0.00 -11.51
C GLY A 311 -21.33 -1.18 -11.34
N ASP A 312 -22.57 -0.94 -10.96
CA ASP A 312 -23.53 -2.02 -10.61
C ASP A 312 -23.84 -2.81 -11.90
N ILE A 313 -23.99 -2.16 -13.03
CA ILE A 313 -24.37 -2.88 -14.28
C ILE A 313 -23.15 -3.64 -14.84
N ALA A 314 -21.94 -3.09 -14.72
CA ALA A 314 -20.70 -3.78 -15.11
C ALA A 314 -20.60 -5.10 -14.34
N GLU A 315 -20.96 -5.11 -13.06
CA GLU A 315 -20.83 -6.34 -12.23
C GLU A 315 -21.83 -7.39 -12.67
N ILE A 316 -23.03 -7.00 -13.08
CA ILE A 316 -24.02 -7.98 -13.62
C ILE A 316 -23.38 -8.56 -14.89
N ALA A 317 -22.87 -7.72 -15.78
CA ALA A 317 -22.30 -8.21 -17.06
C ALA A 317 -21.14 -9.18 -16.78
N ALA A 318 -20.27 -8.83 -15.82
CA ALA A 318 -19.12 -9.72 -15.50
C ALA A 318 -19.60 -11.06 -14.97
N VAL A 319 -20.58 -11.07 -14.07
CA VAL A 319 -21.07 -12.32 -13.44
C VAL A 319 -21.75 -13.22 -14.52
N LYS A 320 -22.54 -12.62 -15.40
CA LYS A 320 -23.13 -13.37 -16.55
C LYS A 320 -22.02 -13.94 -17.44
N SER A 321 -20.97 -13.16 -17.76
CA SER A 321 -19.89 -13.63 -18.64
C SER A 321 -19.14 -14.82 -18.00
N VAL A 322 -18.84 -14.75 -16.69
CA VAL A 322 -18.06 -15.79 -15.99
C VAL A 322 -18.93 -17.03 -15.73
N PHE A 323 -20.19 -16.86 -15.39
CA PHE A 323 -20.95 -18.00 -14.85
C PHE A 323 -21.95 -18.56 -15.87
N GLY A 324 -22.21 -17.87 -16.97
CA GLY A 324 -23.18 -18.35 -17.98
C GLY A 324 -24.51 -18.69 -17.34
N GLU A 325 -25.09 -19.85 -17.65
CA GLU A 325 -26.44 -20.20 -17.13
C GLU A 325 -26.42 -20.31 -15.61
N HIS A 326 -25.28 -20.63 -15.02
CA HIS A 326 -25.19 -20.76 -13.55
C HIS A 326 -25.36 -19.37 -12.89
N ALA A 327 -25.18 -18.30 -13.64
CA ALA A 327 -25.41 -16.93 -13.10
C ALA A 327 -26.83 -16.83 -12.50
N HIS A 328 -27.79 -17.62 -13.02
CA HIS A 328 -29.20 -17.62 -12.59
C HIS A 328 -29.43 -18.54 -11.40
N ALA A 329 -28.44 -19.31 -10.94
CA ALA A 329 -28.62 -20.27 -9.83
C ALA A 329 -27.97 -19.73 -8.53
N LEU A 330 -26.84 -19.06 -8.67
CA LEU A 330 -26.15 -18.50 -7.49
C LEU A 330 -27.01 -17.34 -6.95
N SER A 331 -26.70 -16.91 -5.74
CA SER A 331 -27.27 -15.68 -5.12
C SER A 331 -26.13 -14.64 -5.05
N MET A 332 -26.46 -13.41 -5.37
CA MET A 332 -25.49 -12.29 -5.28
C MET A 332 -26.14 -11.15 -4.53
N SER A 333 -25.45 -10.58 -3.56
CA SER A 333 -26.01 -9.40 -2.86
C SER A 333 -24.92 -8.39 -2.60
N SER A 334 -25.37 -7.17 -2.37
CA SER A 334 -24.52 -6.05 -1.96
C SER A 334 -24.88 -5.67 -0.52
N THR A 335 -24.00 -6.00 0.41
CA THR A 335 -24.17 -5.55 1.82
C THR A 335 -23.92 -4.04 1.94
N LYS A 336 -23.38 -3.36 0.91
CA LYS A 336 -23.25 -1.88 0.92
C LYS A 336 -24.63 -1.25 0.92
N SER A 337 -25.65 -2.01 0.55
CA SER A 337 -27.05 -1.52 0.64
C SER A 337 -27.34 -1.11 2.08
N MET A 338 -26.73 -1.75 3.07
CA MET A 338 -26.92 -1.47 4.51
C MET A 338 -25.73 -0.70 5.12
N THR A 339 -24.48 -1.09 4.78
CA THR A 339 -23.29 -0.48 5.42
C THR A 339 -22.81 0.78 4.71
N GLY A 340 -23.20 1.01 3.45
CA GLY A 340 -22.50 1.96 2.59
C GLY A 340 -21.14 1.42 2.22
N HIS A 341 -20.37 2.27 1.60
CA HIS A 341 -19.05 1.94 1.01
C HIS A 341 -17.93 2.37 1.94
N LEU A 342 -17.28 1.38 2.56
CA LEU A 342 -16.15 1.61 3.49
C LEU A 342 -14.84 1.74 2.73
N LEU A 343 -14.87 1.95 1.41
CA LEU A 343 -13.66 2.26 0.61
C LEU A 343 -12.61 1.16 0.90
N GLY A 344 -11.42 1.55 1.36
CA GLY A 344 -10.38 0.50 1.57
C GLY A 344 -10.74 -0.55 2.60
N ALA A 345 -11.74 -0.34 3.47
CA ALA A 345 -12.22 -1.35 4.42
C ALA A 345 -13.37 -2.17 3.84
N ALA A 346 -13.93 -1.81 2.70
CA ALA A 346 -15.12 -2.52 2.13
C ALA A 346 -14.78 -4.00 1.91
N GLY A 347 -13.64 -4.30 1.33
CA GLY A 347 -13.31 -5.69 1.01
C GLY A 347 -13.02 -6.49 2.26
N ALA A 348 -12.60 -5.84 3.33
CA ALA A 348 -12.32 -6.53 4.60
C ALA A 348 -13.61 -6.91 5.34
N VAL A 349 -14.53 -5.94 5.48
CA VAL A 349 -15.81 -6.26 6.15
C VAL A 349 -16.59 -7.25 5.29
N GLU A 350 -16.51 -7.13 3.97
CA GLU A 350 -17.28 -8.01 3.08
C GLU A 350 -16.67 -9.41 3.02
N ALA A 351 -15.37 -9.56 3.19
CA ALA A 351 -14.77 -10.90 3.37
C ALA A 351 -15.35 -11.55 4.63
N ILE A 352 -15.47 -10.76 5.69
CA ILE A 352 -16.05 -11.29 6.95
C ILE A 352 -17.49 -11.71 6.70
N PHE A 353 -18.28 -10.87 6.01
CA PHE A 353 -19.70 -11.23 5.77
C PHE A 353 -19.78 -12.51 4.92
N SER A 354 -18.85 -12.69 3.99
CA SER A 354 -18.82 -13.88 3.11
C SER A 354 -18.51 -15.13 3.94
N VAL A 355 -17.57 -15.03 4.87
CA VAL A 355 -17.26 -16.13 5.81
C VAL A 355 -18.50 -16.44 6.65
N LEU A 356 -19.19 -15.41 7.15
CA LEU A 356 -20.38 -15.69 8.00
C LEU A 356 -21.54 -16.22 7.16
N ALA A 357 -21.64 -15.85 5.89
CA ALA A 357 -22.65 -16.48 5.01
C ALA A 357 -22.36 -18.00 4.96
N LEU A 358 -21.10 -18.41 4.90
CA LEU A 358 -20.74 -19.84 4.91
C LEU A 358 -21.10 -20.44 6.26
N ARG A 359 -20.75 -19.77 7.36
CA ARG A 359 -21.01 -20.36 8.71
C ARG A 359 -22.51 -20.57 8.89
N ASP A 360 -23.33 -19.57 8.52
CA ASP A 360 -24.78 -19.56 8.87
C ASP A 360 -25.65 -20.06 7.71
N GLN A 361 -25.11 -20.33 6.54
CA GLN A 361 -25.89 -20.81 5.37
C GLN A 361 -27.03 -19.84 5.06
N VAL A 362 -26.66 -18.59 4.81
CA VAL A 362 -27.64 -17.51 4.54
C VAL A 362 -26.97 -16.46 3.68
N ALA A 363 -27.66 -16.07 2.63
CA ALA A 363 -27.28 -14.95 1.76
C ALA A 363 -27.86 -13.68 2.35
N PRO A 364 -27.01 -12.72 2.75
CA PRO A 364 -27.52 -11.43 3.20
C PRO A 364 -28.28 -10.70 2.12
N PRO A 365 -29.26 -9.84 2.51
CA PRO A 365 -30.05 -9.14 1.51
C PRO A 365 -29.34 -7.96 0.82
N THR A 366 -29.82 -7.61 -0.35
CA THR A 366 -29.61 -6.26 -0.95
C THR A 366 -30.84 -5.44 -0.56
N ILE A 367 -30.77 -4.66 0.51
CA ILE A 367 -31.94 -3.78 0.79
C ILE A 367 -32.10 -2.72 -0.29
N ASN A 368 -33.31 -2.14 -0.34
CA ASN A 368 -33.64 -0.96 -1.16
C ASN A 368 -33.79 -1.33 -2.63
N LEU A 369 -33.81 -2.63 -2.97
CA LEU A 369 -33.82 -3.03 -4.39
C LEU A 369 -35.29 -3.14 -4.79
N ASP A 370 -35.89 -1.97 -4.94
CA ASP A 370 -37.34 -1.85 -5.18
C ASP A 370 -37.61 -2.15 -6.66
N ASN A 371 -36.83 -1.58 -7.57
CA ASN A 371 -37.07 -1.67 -9.03
C ASN A 371 -35.74 -1.97 -9.68
N PRO A 372 -35.39 -3.27 -9.85
CA PRO A 372 -34.16 -3.64 -10.53
C PRO A 372 -34.05 -2.99 -11.91
N ASP A 373 -32.87 -2.48 -12.19
CA ASP A 373 -32.60 -1.79 -13.48
C ASP A 373 -32.59 -2.80 -14.62
N GLU A 374 -32.58 -2.29 -15.84
CA GLU A 374 -32.47 -3.09 -17.08
C GLU A 374 -31.30 -4.07 -16.96
N GLY A 375 -31.58 -5.34 -17.19
CA GLY A 375 -30.59 -6.43 -17.23
C GLY A 375 -30.20 -6.92 -15.84
N CYS A 376 -30.71 -6.34 -14.75
CA CYS A 376 -30.36 -6.70 -13.35
C CYS A 376 -31.33 -7.78 -12.88
N ASP A 377 -31.27 -8.94 -13.54
CA ASP A 377 -32.36 -9.95 -13.42
C ASP A 377 -31.81 -11.25 -12.80
N LEU A 378 -30.69 -11.19 -12.09
CA LEU A 378 -30.22 -12.33 -11.28
C LEU A 378 -30.94 -12.39 -9.94
N ASP A 379 -30.70 -13.45 -9.19
CA ASP A 379 -31.06 -13.49 -7.76
C ASP A 379 -30.13 -12.52 -6.99
N LEU A 380 -30.58 -11.31 -6.75
CA LEU A 380 -29.85 -10.25 -6.01
C LEU A 380 -30.33 -10.16 -4.56
N VAL A 381 -31.05 -11.18 -4.08
CA VAL A 381 -31.48 -11.33 -2.67
C VAL A 381 -32.18 -10.04 -2.23
N ALA A 382 -33.07 -9.53 -3.05
CA ALA A 382 -33.76 -8.25 -2.74
C ALA A 382 -34.45 -8.32 -1.36
N HIS A 383 -34.24 -7.28 -0.54
CA HIS A 383 -35.03 -6.92 0.68
C HIS A 383 -34.75 -7.79 1.91
N GLU A 384 -34.71 -9.12 1.79
CA GLU A 384 -34.70 -10.05 2.94
C GLU A 384 -33.65 -11.14 2.76
N ALA A 385 -32.99 -11.48 3.87
CA ALA A 385 -31.96 -12.54 3.93
C ALA A 385 -32.55 -13.82 3.39
N LYS A 386 -31.75 -14.61 2.66
CA LYS A 386 -32.23 -15.87 2.03
C LYS A 386 -31.41 -17.03 2.55
N PRO A 387 -31.93 -17.84 3.49
CA PRO A 387 -31.27 -19.09 3.86
C PRO A 387 -31.12 -19.96 2.63
N ARG A 388 -29.95 -20.58 2.44
CA ARG A 388 -29.68 -21.44 1.27
C ARG A 388 -28.37 -22.16 1.47
N LYS A 389 -28.14 -23.17 0.64
CA LYS A 389 -26.88 -23.91 0.70
C LYS A 389 -25.79 -23.00 0.10
N ILE A 390 -24.70 -22.86 0.86
CA ILE A 390 -23.50 -22.11 0.43
C ILE A 390 -22.26 -22.94 0.78
N ASP A 391 -21.63 -23.55 -0.21
CA ASP A 391 -20.34 -24.26 0.00
C ASP A 391 -19.19 -23.31 -0.38
N VAL A 392 -19.43 -22.46 -1.38
CA VAL A 392 -18.38 -21.57 -1.95
C VAL A 392 -18.96 -20.17 -2.04
N ALA A 393 -18.23 -19.23 -1.46
CA ALA A 393 -18.62 -17.81 -1.50
C ALA A 393 -17.48 -17.01 -2.12
N LEU A 394 -17.82 -16.01 -2.93
N LEU A 394 -17.82 -16.11 -3.05
CA LEU A 394 -16.86 -15.14 -3.62
CA LEU A 394 -16.92 -15.08 -3.62
C LEU A 394 -17.14 -13.69 -3.21
C LEU A 394 -17.13 -13.74 -2.90
N SER A 395 -16.10 -12.91 -2.92
CA SER A 395 -16.20 -11.49 -2.53
C SER A 395 -15.41 -10.69 -3.54
N ASN A 396 -16.07 -9.77 -4.22
CA ASN A 396 -15.43 -8.95 -5.28
C ASN A 396 -15.19 -7.51 -4.81
N SER A 397 -14.15 -6.87 -5.31
CA SER A 397 -13.92 -5.44 -5.13
C SER A 397 -13.31 -4.91 -6.41
N PHE A 398 -13.57 -3.64 -6.71
N PHE A 398 -13.67 -3.70 -6.82
CA PHE A 398 -13.12 -2.90 -7.91
CA PHE A 398 -12.91 -2.96 -7.85
C PHE A 398 -12.82 -1.47 -7.48
C PHE A 398 -12.65 -1.56 -7.32
N GLY A 399 -11.76 -0.85 -7.99
CA GLY A 399 -11.30 0.43 -7.47
C GLY A 399 -10.87 1.35 -8.54
N PHE A 400 -10.73 2.60 -8.17
CA PHE A 400 -9.99 3.58 -8.98
C PHE A 400 -8.66 3.02 -9.47
N GLY A 401 -8.33 3.37 -10.71
CA GLY A 401 -7.18 2.83 -11.42
C GLY A 401 -7.48 1.55 -12.16
N GLY A 402 -8.72 1.09 -12.13
CA GLY A 402 -9.13 -0.18 -12.78
C GLY A 402 -8.57 -1.39 -12.06
N THR A 403 -8.42 -1.30 -10.74
N THR A 403 -8.33 -1.20 -10.76
CA THR A 403 -7.77 -2.36 -9.94
CA THR A 403 -7.90 -2.28 -9.84
C THR A 403 -8.86 -3.26 -9.33
C THR A 403 -9.06 -3.26 -9.67
N ASN A 404 -8.77 -4.55 -9.61
CA ASN A 404 -9.81 -5.56 -9.30
C ASN A 404 -9.24 -6.64 -8.35
N GLY A 405 -10.05 -7.11 -7.40
CA GLY A 405 -9.66 -8.27 -6.56
C GLY A 405 -10.86 -9.15 -6.32
N THR A 406 -10.61 -10.45 -6.21
CA THR A 406 -11.66 -11.41 -5.91
C THR A 406 -11.10 -12.38 -4.88
N LEU A 407 -11.85 -12.69 -3.84
CA LEU A 407 -11.52 -13.73 -2.85
C LEU A 407 -12.54 -14.85 -2.96
N VAL A 408 -12.06 -16.09 -2.86
CA VAL A 408 -12.89 -17.30 -2.86
C VAL A 408 -12.70 -18.03 -1.54
N PHE A 409 -13.79 -18.20 -0.81
CA PHE A 409 -13.86 -18.91 0.49
C PHE A 409 -14.70 -20.16 0.32
N ARG A 410 -14.38 -21.19 1.08
CA ARG A 410 -15.27 -22.38 1.13
C ARG A 410 -15.31 -22.95 2.54
N ARG A 411 -16.40 -23.70 2.77
CA ARG A 411 -16.61 -24.39 4.05
C ARG A 411 -15.40 -25.29 4.30
N PHE A 412 -15.00 -25.40 5.56
CA PHE A 412 -13.92 -26.31 5.96
C PHE A 412 -14.50 -27.40 6.87
N ALA A 413 -14.28 -28.68 6.59
CA ALA A 413 -14.79 -29.82 7.40
C ALA A 413 -13.63 -30.57 8.07
N SER B 2 9.20 -25.23 -6.17
CA SER B 2 10.27 -24.47 -6.89
C SER B 2 9.75 -23.10 -7.36
N ARG B 3 10.64 -22.29 -7.95
CA ARG B 3 10.44 -20.82 -8.18
C ARG B 3 11.14 -20.39 -9.47
N ARG B 4 10.55 -19.49 -10.24
CA ARG B 4 11.23 -18.95 -11.44
C ARG B 4 12.25 -17.86 -11.05
N ARG B 5 13.18 -17.62 -11.95
CA ARG B 5 14.23 -16.60 -11.72
C ARG B 5 13.77 -15.25 -12.28
N VAL B 6 14.19 -14.19 -11.61
CA VAL B 6 13.74 -12.81 -11.92
C VAL B 6 14.95 -11.92 -12.19
N VAL B 7 14.93 -11.26 -13.32
CA VAL B 7 16.01 -10.34 -13.74
C VAL B 7 15.47 -8.94 -13.97
N ILE B 8 16.40 -7.99 -13.98
CA ILE B 8 16.12 -6.56 -14.20
C ILE B 8 16.49 -6.22 -15.65
N THR B 9 15.54 -5.78 -16.47
CA THR B 9 15.77 -5.52 -17.90
C THR B 9 15.54 -4.06 -18.28
N GLY B 10 15.06 -3.23 -17.35
CA GLY B 10 14.82 -1.81 -17.61
C GLY B 10 14.82 -0.99 -16.32
N MET B 11 15.35 0.23 -16.38
CA MET B 11 15.35 1.12 -15.19
C MET B 11 15.05 2.56 -15.60
N GLY B 12 14.42 3.30 -14.69
CA GLY B 12 14.00 4.70 -14.90
C GLY B 12 14.02 5.48 -13.62
N MET B 13 14.30 6.77 -13.68
CA MET B 13 14.52 7.54 -12.42
C MET B 13 14.30 9.04 -12.65
N LEU B 14 13.76 9.75 -11.63
CA LEU B 14 13.93 11.19 -11.41
C LEU B 14 14.57 11.33 -10.04
N SER B 15 15.61 12.10 -9.92
CA SER B 15 16.25 12.28 -8.59
C SER B 15 16.73 13.72 -8.46
N PRO B 16 17.20 14.10 -7.26
CA PRO B 16 17.88 15.37 -7.11
C PRO B 16 19.20 15.49 -7.92
N LEU B 17 19.75 14.38 -8.42
CA LEU B 17 20.99 14.42 -9.22
C LEU B 17 20.70 14.45 -10.72
N GLY B 18 19.46 14.17 -11.15
CA GLY B 18 19.27 14.04 -12.59
C GLY B 18 17.88 13.60 -12.99
N LEU B 19 17.56 13.80 -14.26
CA LEU B 19 16.21 13.51 -14.79
C LEU B 19 16.17 12.13 -15.44
N ASP B 20 17.22 11.31 -15.29
CA ASP B 20 17.20 9.89 -15.73
C ASP B 20 18.26 9.14 -14.96
N VAL B 21 18.40 7.87 -15.27
CA VAL B 21 19.36 6.98 -14.57
C VAL B 21 20.79 7.41 -14.87
N PRO B 22 21.23 7.49 -16.14
CA PRO B 22 22.64 7.74 -16.38
C PRO B 22 23.09 9.08 -15.81
N SER B 23 22.30 10.14 -15.87
CA SER B 23 22.70 11.44 -15.29
C SER B 23 22.85 11.30 -13.77
N SER B 24 21.86 10.67 -13.13
CA SER B 24 21.83 10.51 -11.66
C SER B 24 23.07 9.74 -11.23
N TRP B 25 23.35 8.64 -11.93
CA TRP B 25 24.48 7.74 -11.61
C TRP B 25 25.79 8.44 -11.80
N GLU B 26 25.91 9.25 -12.84
CA GLU B 26 27.15 10.04 -13.02
C GLU B 26 27.36 10.92 -11.79
N GLY B 27 26.31 11.57 -11.27
CA GLY B 27 26.43 12.39 -10.06
C GLY B 27 26.89 11.57 -8.87
N ILE B 28 26.33 10.38 -8.73
CA ILE B 28 26.60 9.46 -7.60
C ILE B 28 28.10 9.13 -7.61
N LEU B 29 28.62 8.71 -8.74
CA LEU B 29 30.04 8.26 -8.79
C LEU B 29 30.98 9.46 -8.67
N ALA B 30 30.52 10.68 -8.96
CA ALA B 30 31.30 11.92 -8.78
C ALA B 30 31.17 12.54 -7.38
N GLY B 31 30.35 11.96 -6.50
CA GLY B 31 30.19 12.48 -5.14
C GLY B 31 29.44 13.80 -5.10
N ARG B 32 28.62 14.05 -6.11
CA ARG B 32 27.88 15.33 -6.21
C ARG B 32 26.69 15.30 -5.25
N SER B 33 26.36 16.43 -4.64
CA SER B 33 25.12 16.65 -3.85
C SER B 33 24.00 17.21 -4.73
N GLY B 34 22.79 16.71 -4.56
CA GLY B 34 21.57 17.23 -5.17
C GLY B 34 20.82 18.14 -4.22
N ILE B 35 21.42 18.49 -3.04
CA ILE B 35 20.66 19.21 -1.98
C ILE B 35 20.86 20.74 -2.11
N ALA B 36 19.79 21.51 -1.97
CA ALA B 36 19.86 22.98 -2.13
C ALA B 36 18.68 23.62 -1.40
N PRO B 37 18.73 24.94 -1.14
CA PRO B 37 17.58 25.64 -0.60
C PRO B 37 16.41 25.44 -1.57
N ILE B 38 15.25 25.16 -0.99
CA ILE B 38 14.01 24.93 -1.75
C ILE B 38 13.53 26.27 -2.33
N GLU B 39 13.20 26.27 -3.62
CA GLU B 39 12.77 27.51 -4.33
C GLU B 39 11.24 27.60 -4.42
N HIS B 40 10.76 28.81 -4.68
CA HIS B 40 9.36 29.15 -5.04
C HIS B 40 8.42 28.82 -3.88
N MET B 41 8.93 28.93 -2.65
CA MET B 41 8.18 28.58 -1.43
C MET B 41 8.70 29.44 -0.28
N ASP B 42 7.84 30.07 0.51
CA ASP B 42 8.30 30.91 1.64
C ASP B 42 8.52 29.99 2.84
N LEU B 43 9.76 29.62 3.14
CA LEU B 43 10.05 28.65 4.23
C LEU B 43 10.63 29.42 5.43
N SER B 44 10.43 30.75 5.49
CA SER B 44 10.94 31.59 6.62
C SER B 44 10.59 31.01 7.99
N ALA B 45 9.36 30.55 8.18
CA ALA B 45 8.87 30.12 9.50
C ALA B 45 9.30 28.69 9.82
N TYR B 46 9.98 28.01 8.90
CA TYR B 46 10.33 26.58 9.03
C TYR B 46 11.76 26.44 9.54
N SER B 47 12.08 25.36 10.27
CA SER B 47 13.44 25.14 10.83
C SER B 47 14.37 24.46 9.81
N THR B 48 13.82 24.01 8.67
CA THR B 48 14.62 23.43 7.57
C THR B 48 14.13 24.11 6.29
N ARG B 49 15.05 24.61 5.46
CA ARG B 49 14.68 25.42 4.26
C ARG B 49 15.26 24.81 2.98
N PHE B 50 15.82 23.60 3.08
CA PHE B 50 16.55 22.95 1.99
C PHE B 50 16.05 21.51 1.84
N GLY B 51 16.38 20.92 0.72
CA GLY B 51 16.10 19.49 0.45
C GLY B 51 16.60 19.11 -0.92
N GLY B 52 16.24 17.90 -1.35
CA GLY B 52 16.55 17.42 -2.71
C GLY B 52 15.36 17.58 -3.64
N SER B 53 15.34 18.62 -4.46
CA SER B 53 14.25 18.83 -5.43
C SER B 53 14.62 18.16 -6.75
N VAL B 54 13.63 17.73 -7.53
CA VAL B 54 13.85 17.43 -8.97
C VAL B 54 13.90 18.76 -9.74
N LYS B 55 14.95 18.98 -10.49
CA LYS B 55 15.21 20.26 -11.20
C LYS B 55 14.96 20.08 -12.69
N GLY B 56 14.06 20.89 -13.23
CA GLY B 56 13.87 21.00 -14.68
C GLY B 56 12.97 19.91 -15.25
N PHE B 57 12.18 19.25 -14.42
CA PHE B 57 11.26 18.18 -14.88
C PHE B 57 10.24 18.76 -15.86
N ASN B 58 10.11 18.10 -17.02
CA ASN B 58 9.14 18.49 -18.07
C ASN B 58 8.14 17.36 -18.25
N VAL B 59 6.97 17.49 -17.63
CA VAL B 59 5.93 16.43 -17.63
C VAL B 59 5.41 16.25 -19.08
N GLU B 60 5.50 17.31 -19.91
CA GLU B 60 4.95 17.22 -21.29
C GLU B 60 5.79 16.28 -22.16
N GLU B 61 6.94 15.79 -21.69
CA GLU B 61 7.62 14.69 -22.42
C GLU B 61 6.84 13.38 -22.26
N TYR B 62 5.97 13.28 -21.28
CA TYR B 62 5.27 12.05 -20.89
C TYR B 62 3.76 12.15 -21.11
N LEU B 63 3.18 13.28 -20.71
CA LEU B 63 1.73 13.46 -20.62
C LEU B 63 1.30 14.72 -21.37
N SER B 64 0.07 14.75 -21.87
CA SER B 64 -0.51 16.02 -22.31
C SER B 64 -0.67 16.97 -21.11
N ALA B 65 -0.77 18.28 -21.36
CA ALA B 65 -0.90 19.27 -20.26
C ALA B 65 -2.20 18.98 -19.49
N LYS B 66 -3.20 18.52 -20.22
CA LYS B 66 -4.54 18.21 -19.65
C LYS B 66 -4.47 17.02 -18.70
N GLU B 67 -3.81 15.93 -19.07
N GLU B 67 -3.82 15.92 -19.13
CA GLU B 67 -3.70 14.76 -18.16
CA GLU B 67 -3.53 14.71 -18.33
C GLU B 67 -2.78 15.15 -16.99
C GLU B 67 -2.78 15.14 -17.05
N ALA B 68 -1.73 15.94 -17.22
CA ALA B 68 -0.81 16.35 -16.15
C ALA B 68 -1.57 17.17 -15.11
N ARG B 69 -2.52 18.00 -15.53
CA ARG B 69 -3.26 18.88 -14.56
C ARG B 69 -4.10 18.03 -13.58
N LYS B 70 -4.39 16.79 -13.92
CA LYS B 70 -5.27 15.94 -13.11
C LYS B 70 -4.44 15.22 -12.02
N LEU B 71 -3.10 15.26 -12.07
CA LEU B 71 -2.27 14.31 -11.30
C LEU B 71 -1.30 15.06 -10.40
N ASP B 72 -1.25 14.70 -9.14
CA ASP B 72 -0.19 15.23 -8.24
C ASP B 72 1.20 14.99 -8.82
N LEU B 73 2.12 15.87 -8.44
CA LEU B 73 3.53 15.70 -8.78
C LEU B 73 4.04 14.30 -8.45
N PHE B 74 3.69 13.68 -7.33
CA PHE B 74 4.31 12.36 -7.05
C PHE B 74 3.86 11.33 -8.10
N ILE B 75 2.66 11.46 -8.63
CA ILE B 75 2.20 10.57 -9.73
C ILE B 75 2.91 10.90 -11.04
N GLN B 76 3.07 12.17 -11.36
CA GLN B 76 3.83 12.60 -12.53
C GLN B 76 5.23 11.95 -12.44
N TYR B 77 5.87 12.04 -11.27
CA TYR B 77 7.25 11.51 -11.12
C TYR B 77 7.27 10.00 -11.31
N GLY B 78 6.31 9.32 -10.68
CA GLY B 78 6.27 7.87 -10.82
C GLY B 78 6.01 7.43 -12.24
N LEU B 79 5.14 8.13 -12.96
CA LEU B 79 4.89 7.78 -14.38
C LEU B 79 6.14 8.05 -15.22
N ALA B 80 6.84 9.16 -15.01
CA ALA B 80 8.10 9.44 -15.75
C ALA B 80 9.11 8.29 -15.55
N ALA B 81 9.33 7.87 -14.30
CA ALA B 81 10.27 6.75 -14.06
C ALA B 81 9.77 5.47 -14.74
N SER B 82 8.48 5.17 -14.65
CA SER B 82 7.89 3.94 -15.21
C SER B 82 8.02 3.92 -16.72
N PHE B 83 7.68 5.04 -17.38
CA PHE B 83 7.80 5.13 -18.87
C PHE B 83 9.26 4.95 -19.29
N GLN B 84 10.19 5.58 -18.55
CA GLN B 84 11.62 5.45 -18.84
C GLN B 84 12.01 3.97 -18.75
N ALA B 85 11.58 3.29 -17.70
CA ALA B 85 11.98 1.90 -17.42
C ALA B 85 11.44 0.95 -18.51
N VAL B 86 10.21 1.17 -18.91
CA VAL B 86 9.57 0.32 -19.95
C VAL B 86 10.28 0.59 -21.28
N ARG B 87 10.54 1.85 -21.64
CA ARG B 87 11.35 2.19 -22.86
C ARG B 87 12.71 1.47 -22.76
N ASP B 88 13.39 1.57 -21.63
CA ASP B 88 14.76 1.02 -21.46
C ASP B 88 14.74 -0.50 -21.63
N SER B 89 13.64 -1.15 -21.27
CA SER B 89 13.55 -2.62 -21.36
C SER B 89 13.37 -3.13 -22.78
N GLY B 90 12.83 -2.30 -23.66
CA GLY B 90 12.51 -2.70 -25.04
C GLY B 90 11.28 -3.58 -25.15
N LEU B 91 10.57 -3.84 -24.06
CA LEU B 91 9.39 -4.74 -24.07
C LEU B 91 8.30 -4.23 -25.01
N GLU B 92 7.76 -5.14 -25.78
CA GLU B 92 6.61 -4.89 -26.66
C GLU B 92 5.40 -5.54 -25.99
N VAL B 93 4.46 -4.72 -25.58
CA VAL B 93 3.18 -5.20 -25.03
C VAL B 93 2.26 -5.58 -26.20
N THR B 94 1.67 -6.78 -26.12
CA THR B 94 0.77 -7.34 -27.13
C THR B 94 -0.46 -7.96 -26.49
N ASP B 95 -1.43 -8.30 -27.32
CA ASP B 95 -2.61 -9.04 -26.82
C ASP B 95 -2.16 -10.38 -26.24
N ALA B 96 -1.08 -10.99 -26.71
CA ALA B 96 -0.58 -12.30 -26.25
C ALA B 96 0.05 -12.17 -24.87
N ASN B 97 0.48 -10.99 -24.43
CA ASN B 97 1.20 -10.92 -23.14
C ASN B 97 0.60 -9.91 -22.16
N ARG B 98 -0.41 -9.14 -22.54
CA ARG B 98 -0.80 -8.01 -21.66
C ARG B 98 -1.37 -8.50 -20.33
N GLU B 99 -1.99 -9.67 -20.24
CA GLU B 99 -2.52 -10.18 -18.95
C GLU B 99 -1.36 -10.67 -18.08
N ARG B 100 -0.12 -10.70 -18.56
CA ARG B 100 1.05 -11.21 -17.84
C ARG B 100 1.97 -10.08 -17.39
N ILE B 101 1.59 -8.82 -17.64
CA ILE B 101 2.42 -7.63 -17.30
C ILE B 101 1.63 -6.78 -16.31
N GLY B 102 2.16 -6.57 -15.10
CA GLY B 102 1.50 -5.76 -14.07
C GLY B 102 2.38 -4.66 -13.57
N VAL B 103 1.90 -4.00 -12.51
N VAL B 103 1.94 -4.02 -12.48
CA VAL B 103 2.53 -2.79 -11.94
CA VAL B 103 2.62 -2.80 -11.99
C VAL B 103 2.37 -2.80 -10.43
C VAL B 103 2.36 -2.64 -10.48
N SER B 104 3.43 -2.39 -9.73
CA SER B 104 3.39 -2.12 -8.28
C SER B 104 4.35 -0.94 -8.09
N MET B 105 3.80 0.24 -8.25
CA MET B 105 4.49 1.51 -7.93
C MET B 105 3.83 2.12 -6.70
N GLY B 106 4.63 2.41 -5.68
CA GLY B 106 4.10 2.88 -4.40
C GLY B 106 4.57 4.27 -4.04
N SER B 107 4.13 4.72 -2.86
CA SER B 107 4.54 6.02 -2.31
C SER B 107 4.37 5.93 -0.79
N GLY B 108 5.24 6.62 -0.06
CA GLY B 108 5.08 6.70 1.41
C GLY B 108 3.98 7.65 1.84
N ILE B 109 3.96 8.86 1.27
CA ILE B 109 3.08 9.97 1.70
C ILE B 109 2.11 10.38 0.60
N GLY B 110 2.37 10.13 -0.69
CA GLY B 110 1.39 10.43 -1.74
C GLY B 110 1.20 11.93 -1.89
N GLY B 111 -0.03 12.36 -2.23
CA GLY B 111 -0.21 13.65 -2.91
C GLY B 111 -0.37 14.81 -1.94
N LEU B 112 0.67 15.10 -1.17
CA LEU B 112 0.65 16.18 -0.15
C LEU B 112 0.44 17.56 -0.78
N THR B 113 1.06 17.84 -1.92
CA THR B 113 0.95 19.13 -2.63
C THR B 113 -0.51 19.36 -3.00
N ASN B 114 -1.14 18.38 -3.65
N ASN B 114 -1.15 18.36 -3.58
CA ASN B 114 -2.58 18.47 -4.01
CA ASN B 114 -2.57 18.48 -4.00
C ASN B 114 -3.43 18.65 -2.75
C ASN B 114 -3.48 18.60 -2.77
N ILE B 115 -3.17 17.87 -1.69
CA ILE B 115 -3.97 17.95 -0.43
C ILE B 115 -3.84 19.38 0.14
N GLU B 116 -2.64 19.91 0.14
CA GLU B 116 -2.35 21.28 0.64
C GLU B 116 -3.14 22.29 -0.19
N ASN B 117 -3.13 22.18 -1.52
CA ASN B 117 -3.78 23.14 -2.44
C ASN B 117 -5.30 23.05 -2.27
N ASN B 118 -5.85 21.84 -2.13
CA ASN B 118 -7.32 21.65 -1.98
C ASN B 118 -7.77 22.07 -0.57
N CYS B 119 -6.93 21.87 0.45
CA CYS B 119 -7.17 22.42 1.81
C CYS B 119 -7.29 23.93 1.73
N ARG B 120 -6.39 24.55 0.96
CA ARG B 120 -6.39 26.03 0.85
C ARG B 120 -7.78 26.46 0.34
N SER B 121 -8.26 25.84 -0.74
CA SER B 121 -9.60 26.12 -1.35
C SER B 121 -10.74 25.90 -0.35
N LEU B 122 -10.75 24.76 0.32
CA LEU B 122 -11.82 24.40 1.27
C LEU B 122 -11.89 25.44 2.40
N PHE B 123 -10.75 25.81 2.96
CA PHE B 123 -10.69 26.72 4.14
C PHE B 123 -11.10 28.13 3.71
N GLU B 124 -10.66 28.56 2.53
CA GLU B 124 -10.86 29.96 2.09
C GLU B 124 -12.28 30.15 1.52
N GLN B 125 -12.75 29.21 0.69
N GLN B 125 -12.78 29.22 0.71
CA GLN B 125 -13.95 29.36 -0.18
CA GLN B 125 -14.05 29.44 -0.05
C GLN B 125 -15.02 28.32 0.15
C GLN B 125 -14.96 28.20 -0.06
N GLY B 126 -14.66 27.17 0.74
CA GLY B 126 -15.60 26.05 1.02
C GLY B 126 -15.47 24.88 0.04
N PRO B 127 -16.25 23.79 0.22
CA PRO B 127 -16.03 22.56 -0.55
C PRO B 127 -16.30 22.71 -2.05
N ARG B 128 -17.03 23.74 -2.48
CA ARG B 128 -17.36 23.88 -3.93
C ARG B 128 -16.08 24.28 -4.69
N ARG B 129 -15.00 24.69 -4.04
CA ARG B 129 -13.75 24.97 -4.80
C ARG B 129 -12.80 23.76 -4.80
N ILE B 130 -13.19 22.60 -4.25
CA ILE B 130 -12.31 21.41 -4.32
C ILE B 130 -12.33 20.88 -5.76
N SER B 131 -11.18 20.46 -6.27
CA SER B 131 -11.08 19.95 -7.66
C SER B 131 -11.85 18.64 -7.79
N PRO B 132 -12.59 18.44 -8.89
CA PRO B 132 -13.18 17.16 -9.21
C PRO B 132 -12.19 15.99 -9.29
N PHE B 133 -10.94 16.29 -9.61
CA PHE B 133 -9.90 15.24 -9.81
C PHE B 133 -9.09 15.11 -8.54
N PHE B 134 -9.48 15.78 -7.46
CA PHE B 134 -8.73 15.75 -6.20
C PHE B 134 -8.49 14.30 -5.76
N VAL B 135 -9.51 13.47 -5.61
CA VAL B 135 -9.30 12.11 -5.05
C VAL B 135 -8.50 11.28 -6.04
N PRO B 136 -8.96 11.05 -7.29
CA PRO B 136 -8.20 10.14 -8.16
C PRO B 136 -6.82 10.68 -8.52
N GLY B 137 -6.63 12.01 -8.50
CA GLY B 137 -5.30 12.60 -8.80
C GLY B 137 -4.39 12.70 -7.61
N SER B 138 -4.79 12.16 -6.45
CA SER B 138 -3.95 12.24 -5.23
C SER B 138 -3.71 10.88 -4.56
N ILE B 139 -4.41 9.85 -4.96
CA ILE B 139 -4.34 8.54 -4.27
C ILE B 139 -3.11 7.77 -4.79
N ILE B 140 -2.56 6.94 -3.91
CA ILE B 140 -1.18 6.42 -4.11
C ILE B 140 -1.21 5.39 -5.25
N ASN B 141 -2.33 4.71 -5.45
CA ASN B 141 -2.33 3.64 -6.49
C ASN B 141 -2.54 4.22 -7.90
N MET B 142 -2.51 5.55 -8.10
CA MET B 142 -2.77 6.05 -9.47
C MET B 142 -1.53 6.04 -10.35
N VAL B 143 -0.32 5.80 -9.86
CA VAL B 143 0.81 5.55 -10.79
C VAL B 143 0.55 4.20 -11.45
N SER B 144 0.26 3.17 -10.65
CA SER B 144 -0.05 1.82 -11.18
C SER B 144 -1.26 1.92 -12.10
N GLY B 145 -2.27 2.66 -11.67
CA GLY B 145 -3.52 2.80 -12.43
C GLY B 145 -3.26 3.47 -13.78
N PHE B 146 -2.64 4.65 -13.79
CA PHE B 146 -2.48 5.42 -15.06
C PHE B 146 -1.53 4.63 -15.96
N LEU B 147 -0.47 4.05 -15.37
CA LEU B 147 0.49 3.29 -16.18
C LEU B 147 -0.21 2.15 -16.91
N SER B 148 -0.99 1.36 -16.18
N SER B 148 -0.98 1.36 -16.16
CA SER B 148 -1.72 0.21 -16.76
CA SER B 148 -1.77 0.21 -16.69
C SER B 148 -2.64 0.69 -17.88
C SER B 148 -2.65 0.69 -17.85
N ILE B 149 -3.35 1.81 -17.66
CA ILE B 149 -4.30 2.34 -18.69
C ILE B 149 -3.50 2.73 -19.92
N HIS B 150 -2.40 3.45 -19.73
CA HIS B 150 -1.67 4.04 -20.87
C HIS B 150 -1.04 2.93 -21.70
N LEU B 151 -0.50 1.88 -21.06
CA LEU B 151 0.26 0.84 -21.78
C LEU B 151 -0.58 -0.41 -22.00
N GLY B 152 -1.81 -0.46 -21.47
CA GLY B 152 -2.72 -1.59 -21.66
C GLY B 152 -2.24 -2.80 -20.86
N LEU B 153 -1.78 -2.60 -19.62
CA LEU B 153 -1.29 -3.72 -18.77
C LEU B 153 -2.43 -4.27 -17.93
N GLN B 154 -2.63 -5.59 -18.01
CA GLN B 154 -3.82 -6.26 -17.43
C GLN B 154 -3.42 -7.20 -16.32
N GLY B 155 -2.12 -7.30 -15.99
CA GLY B 155 -1.59 -8.15 -14.90
C GLY B 155 -1.89 -7.53 -13.54
N PRO B 156 -1.33 -8.13 -12.48
CA PRO B 156 -1.57 -7.64 -11.13
C PRO B 156 -1.27 -6.16 -11.06
N ASN B 157 -2.22 -5.42 -10.48
N ASN B 157 -2.17 -5.40 -10.41
CA ASN B 157 -2.17 -3.94 -10.38
CA ASN B 157 -2.15 -3.93 -10.40
C ASN B 157 -2.37 -3.56 -8.92
C ASN B 157 -2.40 -3.45 -8.97
N TYR B 158 -1.34 -3.02 -8.27
CA TYR B 158 -1.46 -2.67 -6.84
C TYR B 158 -0.41 -1.66 -6.49
N ALA B 159 -0.47 -1.20 -5.25
CA ALA B 159 0.45 -0.17 -4.71
C ALA B 159 0.67 -0.47 -3.24
N LEU B 160 1.92 -0.45 -2.84
CA LEU B 160 2.32 -0.53 -1.42
C LEU B 160 2.46 0.88 -0.86
N THR B 161 2.27 1.03 0.43
CA THR B 161 2.64 2.26 1.16
C THR B 161 3.21 1.78 2.51
N THR B 162 4.52 1.65 2.57
CA THR B 162 5.24 1.27 3.81
C THR B 162 6.26 2.34 4.11
N ALA B 163 5.83 3.58 4.11
CA ALA B 163 6.67 4.71 4.51
C ALA B 163 8.00 4.62 3.77
N GLN B 164 9.11 4.75 4.49
CA GLN B 164 10.46 4.83 3.90
C GLN B 164 10.89 3.47 3.31
N THR B 165 10.12 2.41 3.47
CA THR B 165 10.45 1.04 2.98
C THR B 165 9.69 0.74 1.70
N THR B 166 8.84 1.66 1.26
CA THR B 166 7.89 1.43 0.14
C THR B 166 8.63 0.89 -1.09
N GLY B 167 9.68 1.57 -1.57
CA GLY B 167 10.23 1.21 -2.89
C GLY B 167 10.87 -0.17 -2.84
N THR B 168 11.48 -0.53 -1.72
CA THR B 168 12.09 -1.89 -1.52
C THR B 168 10.99 -2.96 -1.51
N HIS B 169 9.94 -2.77 -0.75
CA HIS B 169 8.85 -3.77 -0.64
C HIS B 169 8.16 -3.89 -2.00
N SER B 170 7.99 -2.78 -2.71
CA SER B 170 7.28 -2.79 -4.02
C SER B 170 8.07 -3.74 -4.96
N ILE B 171 9.37 -3.53 -5.05
CA ILE B 171 10.23 -4.34 -5.93
C ILE B 171 10.23 -5.80 -5.47
N GLY B 172 10.37 -6.05 -4.17
CA GLY B 172 10.45 -7.43 -3.66
C GLY B 172 9.18 -8.21 -3.95
N MET B 173 8.01 -7.59 -3.69
N MET B 173 8.01 -7.60 -3.70
CA MET B 173 6.70 -8.28 -3.85
CA MET B 173 6.71 -8.30 -3.86
C MET B 173 6.37 -8.46 -5.33
C MET B 173 6.38 -8.47 -5.35
N ALA B 174 6.80 -7.55 -6.21
CA ALA B 174 6.66 -7.71 -7.68
C ALA B 174 7.53 -8.91 -8.11
N ALA B 175 8.71 -9.06 -7.54
CA ALA B 175 9.61 -10.20 -7.85
C ALA B 175 8.92 -11.48 -7.42
N ARG B 176 8.29 -11.51 -6.24
CA ARG B 176 7.50 -12.69 -5.82
C ARG B 176 6.41 -13.01 -6.84
N ASN B 177 5.69 -12.00 -7.35
CA ASN B 177 4.59 -12.23 -8.30
C ASN B 177 5.19 -13.01 -9.50
N ILE B 178 6.37 -12.60 -9.97
CA ILE B 178 6.97 -13.29 -11.15
C ILE B 178 7.48 -14.68 -10.73
N ALA B 179 8.16 -14.77 -9.62
CA ALA B 179 8.80 -16.04 -9.19
C ALA B 179 7.76 -17.13 -9.06
N TYR B 180 6.56 -16.78 -8.60
CA TYR B 180 5.48 -17.76 -8.29
C TYR B 180 4.46 -17.82 -9.42
N GLY B 181 4.78 -17.23 -10.58
CA GLY B 181 4.00 -17.42 -11.83
C GLY B 181 2.72 -16.60 -11.96
N GLU B 182 2.51 -15.56 -11.15
CA GLU B 182 1.31 -14.70 -11.23
C GLU B 182 1.49 -13.62 -12.30
N ALA B 183 2.74 -13.39 -12.73
CA ALA B 183 3.07 -12.46 -13.82
C ALA B 183 4.36 -12.87 -14.48
N ASP B 184 4.59 -12.39 -15.71
CA ASP B 184 5.90 -12.59 -16.35
C ASP B 184 6.73 -11.32 -16.31
N VAL B 185 6.10 -10.16 -16.21
CA VAL B 185 6.79 -8.83 -16.16
C VAL B 185 6.08 -7.97 -15.14
N MET B 186 6.81 -7.23 -14.32
CA MET B 186 6.20 -6.19 -13.47
C MET B 186 7.02 -4.93 -13.57
N VAL B 187 6.35 -3.80 -13.55
CA VAL B 187 7.03 -2.49 -13.37
C VAL B 187 6.92 -2.13 -11.88
N ALA B 188 8.00 -1.94 -11.16
CA ALA B 188 7.93 -1.83 -9.70
C ALA B 188 8.87 -0.76 -9.19
N GLY B 189 8.53 -0.10 -8.07
CA GLY B 189 9.33 0.96 -7.50
C GLY B 189 8.46 1.92 -6.71
N GLY B 190 8.79 3.21 -6.73
CA GLY B 190 8.07 4.19 -5.92
C GLY B 190 8.37 5.61 -6.35
N SER B 191 7.59 6.55 -5.83
CA SER B 191 7.73 7.98 -6.13
C SER B 191 7.24 8.80 -4.94
N GLU B 192 7.73 10.01 -4.86
CA GLU B 192 7.47 10.84 -3.68
C GLU B 192 7.70 12.29 -4.04
N MET B 193 6.81 13.16 -3.58
N MET B 193 6.78 13.14 -3.58
CA MET B 193 7.03 14.63 -3.61
CA MET B 193 6.88 14.62 -3.63
C MET B 193 6.36 15.20 -2.36
C MET B 193 6.31 15.15 -2.33
N ALA B 194 7.12 15.23 -1.27
CA ALA B 194 6.63 15.63 0.06
C ALA B 194 7.22 17.00 0.48
N ALA B 195 7.80 17.78 -0.44
CA ALA B 195 8.31 19.16 -0.11
C ALA B 195 7.15 20.14 -0.24
N CYS B 196 6.23 20.06 0.67
CA CYS B 196 5.17 21.07 0.81
C CYS B 196 5.34 21.52 2.24
N GLY B 197 4.59 22.54 2.63
CA GLY B 197 4.46 22.95 4.04
C GLY B 197 4.28 21.75 4.93
N LEU B 198 3.30 20.89 4.60
CA LEU B 198 2.92 19.75 5.45
C LEU B 198 4.10 18.79 5.61
N GLY B 199 4.90 18.57 4.59
CA GLY B 199 6.01 17.60 4.63
C GLY B 199 7.20 18.13 5.43
N LEU B 200 7.72 19.28 5.01
CA LEU B 200 8.82 19.93 5.75
C LEU B 200 8.32 20.24 7.17
N GLY B 201 7.11 20.76 7.30
CA GLY B 201 6.50 21.05 8.60
C GLY B 201 6.24 19.81 9.44
N GLY B 202 5.72 18.72 8.86
CA GLY B 202 5.45 17.48 9.60
C GLY B 202 6.72 16.82 10.14
N PHE B 203 7.73 16.65 9.29
CA PHE B 203 9.00 16.04 9.72
C PHE B 203 9.71 17.00 10.68
N GLY B 204 9.60 18.31 10.43
CA GLY B 204 10.21 19.34 11.29
C GLY B 204 9.61 19.32 12.69
N ALA B 205 8.29 19.15 12.82
CA ALA B 205 7.61 19.11 14.13
C ALA B 205 8.16 17.96 14.97
N ALA B 206 8.56 16.86 14.30
CA ALA B 206 9.09 15.64 14.95
C ALA B 206 10.60 15.81 15.22
N ARG B 207 11.18 16.93 14.79
CA ARG B 207 12.61 17.30 14.91
C ARG B 207 13.44 16.24 14.22
N ALA B 208 12.95 15.68 13.13
CA ALA B 208 13.57 14.52 12.44
C ALA B 208 14.56 14.99 11.37
N LEU B 209 14.42 16.22 10.91
CA LEU B 209 15.20 16.77 9.78
C LEU B 209 16.48 17.44 10.28
N SER B 210 17.52 17.34 9.46
CA SER B 210 18.68 18.22 9.59
C SER B 210 18.22 19.68 9.49
N THR B 211 18.79 20.56 10.34
CA THR B 211 18.52 22.01 10.28
C THR B 211 19.77 22.79 9.88
N ARG B 212 20.68 22.16 9.14
CA ARG B 212 21.97 22.76 8.68
C ARG B 212 21.71 23.66 7.46
N ASN B 213 20.93 24.72 7.65
CA ASN B 213 20.46 25.64 6.59
C ASN B 213 21.65 26.34 5.93
N ASP B 214 22.74 26.54 6.67
CA ASP B 214 23.87 27.35 6.17
C ASP B 214 24.69 26.55 5.16
N GLU B 215 24.66 25.22 5.20
CA GLU B 215 25.47 24.36 4.29
C GLU B 215 24.66 23.13 3.88
N PRO B 216 23.59 23.33 3.07
CA PRO B 216 22.72 22.22 2.70
C PRO B 216 23.43 20.98 2.14
N THR B 217 24.49 21.18 1.36
CA THR B 217 25.20 20.04 0.72
C THR B 217 25.93 19.21 1.78
N ARG B 218 26.20 19.76 2.97
CA ARG B 218 26.90 19.03 4.05
C ARG B 218 25.90 18.48 5.08
N ALA B 219 24.58 18.70 4.88
CA ALA B 219 23.60 18.33 5.92
C ALA B 219 23.54 16.81 6.04
N SER B 220 23.46 16.08 4.92
CA SER B 220 23.24 14.63 4.92
C SER B 220 24.61 13.97 5.08
N ARG B 221 24.91 13.47 6.26
CA ARG B 221 26.26 12.99 6.60
C ARG B 221 26.15 11.70 7.39
N PRO B 222 25.71 10.58 6.76
CA PRO B 222 25.47 9.31 7.43
C PRO B 222 26.75 8.81 8.14
N TRP B 223 26.54 8.41 9.39
CA TRP B 223 27.57 7.87 10.33
C TRP B 223 28.56 8.95 10.76
N ASP B 224 28.41 10.20 10.34
CA ASP B 224 29.33 11.29 10.78
C ASP B 224 28.89 11.77 12.17
N ARG B 225 29.83 12.10 13.05
CA ARG B 225 29.47 12.38 14.45
C ARG B 225 28.65 13.67 14.57
N ASP B 226 28.60 14.50 13.52
CA ASP B 226 27.91 15.82 13.55
C ASP B 226 26.56 15.77 12.79
N ARG B 227 26.11 14.58 12.42
CA ARG B 227 24.78 14.41 11.78
C ARG B 227 23.69 14.87 12.75
N ASP B 228 22.56 15.32 12.20
CA ASP B 228 21.49 15.96 13.00
C ASP B 228 20.14 15.73 12.30
N GLY B 229 20.04 14.62 11.56
CA GLY B 229 18.76 14.17 11.02
C GLY B 229 18.77 14.08 9.50
N PHE B 230 17.66 13.62 8.92
CA PHE B 230 17.63 13.32 7.47
C PHE B 230 17.33 14.59 6.69
N VAL B 231 17.54 14.48 5.38
CA VAL B 231 17.30 15.52 4.36
C VAL B 231 16.14 15.01 3.50
N LEU B 232 15.11 15.82 3.35
CA LEU B 232 13.90 15.39 2.60
C LEU B 232 14.12 15.61 1.11
N SER B 233 13.86 14.59 0.30
CA SER B 233 14.10 14.67 -1.14
C SER B 233 12.93 14.06 -1.91
N ASP B 234 12.88 14.41 -3.19
CA ASP B 234 11.76 14.11 -4.11
C ASP B 234 12.28 13.26 -5.25
N GLY B 235 11.40 12.47 -5.89
CA GLY B 235 11.79 11.80 -7.13
C GLY B 235 11.11 10.46 -7.25
N SER B 236 11.71 9.55 -8.02
CA SER B 236 11.06 8.30 -8.39
C SER B 236 12.11 7.33 -8.91
N GLY B 237 11.83 6.05 -8.71
CA GLY B 237 12.59 4.98 -9.38
C GLY B 237 11.67 3.86 -9.80
N ALA B 238 11.91 3.30 -10.97
CA ALA B 238 11.08 2.20 -11.50
C ALA B 238 12.02 1.20 -12.15
N LEU B 239 11.76 -0.07 -11.90
CA LEU B 239 12.49 -1.17 -12.57
C LEU B 239 11.50 -2.03 -13.34
N VAL B 240 11.91 -2.54 -14.49
CA VAL B 240 11.21 -3.64 -15.16
C VAL B 240 11.81 -4.96 -14.70
N LEU B 241 11.03 -5.72 -13.94
CA LEU B 241 11.38 -7.08 -13.47
C LEU B 241 10.76 -8.06 -14.45
N GLU B 242 11.49 -9.10 -14.79
CA GLU B 242 11.05 -10.00 -15.88
C GLU B 242 11.54 -11.41 -15.54
N GLU B 243 10.72 -12.38 -15.85
CA GLU B 243 11.09 -13.80 -15.70
C GLU B 243 12.26 -14.07 -16.66
N LEU B 244 13.25 -14.82 -16.20
CA LEU B 244 14.51 -15.05 -16.96
C LEU B 244 14.23 -15.62 -18.34
N GLU B 245 13.50 -16.70 -18.47
CA GLU B 245 13.34 -17.32 -19.82
C GLU B 245 12.62 -16.32 -20.76
N HIS B 246 11.66 -15.58 -20.25
CA HIS B 246 10.93 -14.53 -21.00
C HIS B 246 11.95 -13.52 -21.52
N ALA B 247 12.86 -13.06 -20.67
CA ALA B 247 13.89 -12.07 -21.05
C ALA B 247 14.82 -12.65 -22.10
N ARG B 248 15.27 -13.88 -21.91
CA ARG B 248 16.21 -14.50 -22.89
C ARG B 248 15.54 -14.70 -24.22
N ALA B 249 14.27 -15.06 -24.24
CA ALA B 249 13.57 -15.43 -25.49
C ALA B 249 13.45 -14.22 -26.43
N ARG B 250 13.31 -13.02 -25.89
CA ARG B 250 13.19 -11.78 -26.71
C ARG B 250 14.54 -11.06 -26.86
N GLY B 251 15.63 -11.61 -26.34
CA GLY B 251 16.97 -11.02 -26.45
C GLY B 251 17.11 -9.77 -25.60
N ALA B 252 16.47 -9.76 -24.44
CA ALA B 252 16.55 -8.57 -23.57
C ALA B 252 17.99 -8.33 -23.11
N ARG B 253 18.34 -7.09 -22.85
CA ARG B 253 19.58 -6.75 -22.12
C ARG B 253 19.26 -6.95 -20.64
N ILE B 254 20.02 -7.77 -19.97
CA ILE B 254 19.82 -8.07 -18.51
C ILE B 254 20.86 -7.30 -17.69
N TYR B 255 20.44 -6.44 -16.77
CA TYR B 255 21.39 -5.69 -15.93
C TYR B 255 21.93 -6.58 -14.79
N ALA B 256 21.10 -7.39 -14.19
CA ALA B 256 21.37 -8.11 -12.92
C ALA B 256 20.20 -9.02 -12.63
N GLU B 257 20.41 -9.93 -11.69
CA GLU B 257 19.39 -10.85 -11.20
C GLU B 257 18.98 -10.43 -9.81
N LEU B 258 17.66 -10.50 -9.56
CA LEU B 258 17.13 -10.29 -8.20
C LEU B 258 16.93 -11.67 -7.56
N VAL B 259 17.80 -12.01 -6.59
CA VAL B 259 17.89 -13.39 -6.06
C VAL B 259 17.29 -13.50 -4.67
N GLY B 260 17.11 -12.40 -3.92
CA GLY B 260 16.54 -12.51 -2.58
C GLY B 260 15.75 -11.25 -2.19
N PHE B 261 14.81 -11.49 -1.32
CA PHE B 261 13.98 -10.44 -0.71
C PHE B 261 13.69 -10.88 0.71
N GLY B 262 13.93 -9.95 1.62
CA GLY B 262 13.60 -10.10 3.04
C GLY B 262 12.67 -9.01 3.52
N MET B 263 11.82 -9.39 4.46
CA MET B 263 10.97 -8.45 5.21
C MET B 263 11.10 -8.85 6.68
N SER B 264 10.91 -7.89 7.51
CA SER B 264 10.74 -8.15 8.95
C SER B 264 10.11 -6.93 9.57
N GLY B 265 9.59 -7.11 10.77
CA GLY B 265 9.13 -6.00 11.60
C GLY B 265 9.96 -5.95 12.87
N ASP B 266 10.42 -4.77 13.23
CA ASP B 266 11.13 -4.51 14.51
C ASP B 266 10.19 -4.82 15.68
N ALA B 267 8.91 -4.45 15.55
CA ALA B 267 7.93 -4.45 16.69
C ALA B 267 8.51 -3.69 17.90
N PHE B 268 9.08 -2.53 17.65
CA PHE B 268 9.85 -1.81 18.69
C PHE B 268 9.25 -0.44 18.94
N HIS B 269 9.30 0.47 17.97
CA HIS B 269 8.89 1.89 18.16
C HIS B 269 8.34 2.48 16.87
N MET B 270 7.51 3.52 16.97
CA MET B 270 6.77 4.07 15.81
C MET B 270 7.75 4.71 14.82
N THR B 271 8.85 5.32 15.27
CA THR B 271 9.74 6.06 14.36
C THR B 271 11.23 5.71 14.55
N ALA B 272 11.64 5.17 15.70
CA ALA B 272 13.08 4.91 16.02
C ALA B 272 13.34 3.41 15.89
N PRO B 273 14.52 3.00 15.38
CA PRO B 273 14.86 1.58 15.37
C PRO B 273 15.49 1.19 16.69
N PRO B 274 15.52 -0.11 17.04
CA PRO B 274 16.23 -0.56 18.24
C PRO B 274 17.73 -0.30 18.05
N GLU B 275 18.43 -0.02 19.16
CA GLU B 275 19.82 0.47 19.08
C GLU B 275 20.73 -0.59 18.44
N ASP B 276 20.40 -1.86 18.66
CA ASP B 276 21.20 -3.01 18.17
C ASP B 276 20.75 -3.43 16.76
N GLY B 277 19.77 -2.74 16.15
CA GLY B 277 19.31 -3.09 14.78
C GLY B 277 18.86 -4.53 14.65
N ALA B 278 18.25 -5.12 15.67
CA ALA B 278 17.81 -6.53 15.65
C ALA B 278 16.87 -6.80 14.46
N GLY B 279 15.97 -5.87 14.20
CA GLY B 279 14.97 -6.09 13.11
C GLY B 279 15.64 -6.04 11.75
N ALA B 280 16.57 -5.11 11.56
CA ALA B 280 17.35 -5.01 10.30
C ALA B 280 18.21 -6.26 10.15
N ALA B 281 18.80 -6.79 11.23
CA ALA B 281 19.57 -8.06 11.15
C ALA B 281 18.68 -9.23 10.71
N ARG B 282 17.47 -9.39 11.27
CA ARG B 282 16.57 -10.50 10.90
C ARG B 282 16.21 -10.35 9.42
N CYS B 283 15.97 -9.13 8.98
CA CYS B 283 15.53 -8.86 7.60
C CYS B 283 16.64 -9.26 6.63
N MET B 284 17.88 -8.81 6.86
CA MET B 284 19.01 -9.17 5.98
C MET B 284 19.22 -10.69 6.02
N LYS B 285 19.14 -11.33 7.18
CA LYS B 285 19.29 -12.82 7.26
C LYS B 285 18.17 -13.49 6.46
N ASN B 286 16.94 -12.98 6.54
CA ASN B 286 15.84 -13.56 5.77
C ASN B 286 16.11 -13.42 4.26
N ALA B 287 16.63 -12.28 3.81
CA ALA B 287 16.90 -12.03 2.37
C ALA B 287 18.00 -13.00 1.89
N LEU B 288 19.05 -13.14 2.69
CA LEU B 288 20.16 -14.04 2.29
C LEU B 288 19.66 -15.48 2.29
N ARG B 289 18.88 -15.91 3.27
CA ARG B 289 18.27 -17.27 3.27
C ARG B 289 17.44 -17.42 2.01
N ASP B 290 16.61 -16.42 1.67
CA ASP B 290 15.77 -16.50 0.45
C ASP B 290 16.64 -16.69 -0.80
N ALA B 291 17.83 -16.08 -0.84
CA ALA B 291 18.76 -16.15 -1.98
C ALA B 291 19.60 -17.45 -1.94
N GLY B 292 19.58 -18.20 -0.83
CA GLY B 292 20.50 -19.35 -0.65
C GLY B 292 21.96 -18.90 -0.63
N LEU B 293 22.24 -17.75 -0.04
CA LEU B 293 23.60 -17.21 0.07
C LEU B 293 24.03 -17.11 1.51
N ASP B 294 25.31 -17.38 1.72
N ASP B 294 25.29 -17.43 1.75
CA ASP B 294 25.99 -17.19 3.02
CA ASP B 294 25.95 -17.18 3.08
C ASP B 294 26.31 -15.70 3.15
C ASP B 294 26.29 -15.70 3.15
N PRO B 295 26.22 -15.08 4.36
CA PRO B 295 26.64 -13.68 4.52
C PRO B 295 28.01 -13.36 3.89
N ARG B 296 28.94 -14.31 3.91
CA ARG B 296 30.30 -14.05 3.38
C ARG B 296 30.30 -13.75 1.88
N GLN B 297 29.23 -14.08 1.15
CA GLN B 297 29.14 -13.82 -0.30
C GLN B 297 28.75 -12.36 -0.61
N VAL B 298 28.36 -11.55 0.38
CA VAL B 298 27.95 -10.17 0.12
C VAL B 298 29.19 -9.31 -0.07
N ASP B 299 29.17 -8.51 -1.13
CA ASP B 299 30.28 -7.60 -1.45
C ASP B 299 29.94 -6.13 -1.19
N TYR B 300 28.70 -5.73 -1.44
CA TYR B 300 28.31 -4.31 -1.36
C TYR B 300 26.93 -4.16 -0.74
N ILE B 301 26.80 -3.25 0.20
CA ILE B 301 25.49 -2.91 0.80
C ILE B 301 25.19 -1.45 0.53
N ASN B 302 24.05 -1.20 -0.13
CA ASN B 302 23.50 0.17 -0.17
C ASN B 302 22.65 0.33 1.08
N ALA B 303 23.18 1.05 2.07
CA ALA B 303 22.57 1.17 3.40
C ALA B 303 21.27 1.97 3.25
N HIS B 304 20.39 1.89 4.24
CA HIS B 304 19.33 2.90 4.40
C HIS B 304 20.00 4.24 4.74
N GLY B 305 20.92 4.24 5.74
CA GLY B 305 21.84 5.37 5.98
C GLY B 305 21.22 6.76 5.85
N THR B 306 20.22 7.08 6.68
CA THR B 306 19.40 8.30 6.60
C THR B 306 20.06 9.55 7.20
N SER B 307 21.14 9.42 7.98
CA SER B 307 21.80 10.57 8.67
C SER B 307 21.07 10.94 9.96
N THR B 308 20.30 10.03 10.53
CA THR B 308 19.72 10.20 11.90
C THR B 308 20.69 9.59 12.91
N PRO B 309 20.77 10.17 14.12
CA PRO B 309 21.56 9.56 15.20
C PRO B 309 21.27 8.06 15.39
N ALA B 310 20.03 7.65 15.66
CA ALA B 310 19.72 6.28 16.08
C ALA B 310 19.74 5.32 14.87
N GLY B 311 19.24 5.74 13.70
CA GLY B 311 19.16 4.86 12.54
C GLY B 311 20.54 4.41 12.04
N ASP B 312 21.46 5.34 11.93
CA ASP B 312 22.78 5.05 11.31
C ASP B 312 23.52 4.05 12.20
N ILE B 313 23.48 4.27 13.52
CA ILE B 313 24.22 3.36 14.44
C ILE B 313 23.56 1.96 14.50
N ALA B 314 22.23 1.87 14.43
CA ALA B 314 21.49 0.60 14.38
C ALA B 314 21.93 -0.24 13.19
N GLU B 315 22.16 0.40 12.04
N GLU B 315 22.20 0.42 12.06
CA GLU B 315 22.57 -0.32 10.81
CA GLU B 315 22.55 -0.29 10.80
C GLU B 315 23.97 -0.91 10.99
C GLU B 315 23.98 -0.82 10.85
N ILE B 316 24.90 -0.13 11.54
CA ILE B 316 26.27 -0.65 11.83
C ILE B 316 26.10 -1.90 12.71
N ALA B 317 25.39 -1.81 13.83
CA ALA B 317 25.18 -3.00 14.69
C ALA B 317 24.58 -4.17 13.93
N ALA B 318 23.56 -3.94 13.10
CA ALA B 318 22.93 -5.04 12.35
C ALA B 318 23.96 -5.71 11.40
N VAL B 319 24.75 -4.90 10.70
CA VAL B 319 25.73 -5.44 9.73
C VAL B 319 26.80 -6.24 10.49
N LYS B 320 27.27 -5.72 11.62
CA LYS B 320 28.27 -6.50 12.42
C LYS B 320 27.65 -7.82 12.88
N SER B 321 26.39 -7.83 13.29
CA SER B 321 25.72 -9.05 13.80
C SER B 321 25.59 -10.07 12.68
N VAL B 322 25.13 -9.65 11.51
CA VAL B 322 24.82 -10.57 10.39
C VAL B 322 26.13 -11.13 9.82
N PHE B 323 27.14 -10.28 9.66
CA PHE B 323 28.29 -10.57 8.79
C PHE B 323 29.53 -10.98 9.59
N GLY B 324 29.58 -10.71 10.89
CA GLY B 324 30.67 -11.28 11.71
C GLY B 324 32.04 -10.88 11.14
N GLU B 325 32.91 -11.87 10.90
CA GLU B 325 34.31 -11.63 10.47
C GLU B 325 34.34 -11.13 9.01
N HIS B 326 33.18 -11.04 8.32
CA HIS B 326 33.12 -10.49 6.94
C HIS B 326 32.62 -9.04 6.94
N ALA B 327 32.25 -8.52 8.09
CA ALA B 327 31.58 -7.21 8.18
C ALA B 327 32.47 -6.08 7.65
N HIS B 328 33.80 -6.18 7.77
CA HIS B 328 34.74 -5.15 7.31
C HIS B 328 35.13 -5.36 5.85
N ALA B 329 34.94 -6.55 5.29
CA ALA B 329 35.37 -6.95 3.94
C ALA B 329 34.40 -6.35 2.91
N LEU B 330 33.10 -6.45 3.19
CA LEU B 330 32.12 -5.80 2.30
C LEU B 330 32.34 -4.28 2.36
N SER B 331 31.84 -3.59 1.36
CA SER B 331 31.73 -2.11 1.39
C SER B 331 30.25 -1.77 1.61
N MET B 332 30.00 -0.77 2.43
CA MET B 332 28.61 -0.29 2.70
C MET B 332 28.62 1.23 2.54
N SER B 333 27.71 1.77 1.72
CA SER B 333 27.64 3.22 1.56
C SER B 333 26.20 3.70 1.56
N SER B 334 26.01 4.94 1.96
CA SER B 334 24.72 5.64 1.90
C SER B 334 24.76 6.65 0.77
N THR B 335 24.03 6.37 -0.32
CA THR B 335 23.86 7.34 -1.39
C THR B 335 22.94 8.48 -0.94
N LYS B 336 22.25 8.34 0.19
CA LYS B 336 21.47 9.47 0.75
C LYS B 336 22.39 10.63 1.15
N SER B 337 23.69 10.38 1.32
CA SER B 337 24.70 11.45 1.53
C SER B 337 24.65 12.46 0.40
N MET B 338 24.26 12.03 -0.82
CA MET B 338 24.20 12.87 -2.04
C MET B 338 22.74 13.20 -2.42
N THR B 339 21.84 12.20 -2.36
CA THR B 339 20.46 12.36 -2.87
C THR B 339 19.50 12.92 -1.81
N GLY B 340 19.86 12.85 -0.53
CA GLY B 340 18.89 12.96 0.55
C GLY B 340 17.94 11.76 0.52
N HIS B 341 16.91 11.84 1.31
CA HIS B 341 16.00 10.73 1.65
C HIS B 341 14.72 10.89 0.81
N LEU B 342 14.54 10.06 -0.21
CA LEU B 342 13.34 10.12 -1.10
C LEU B 342 12.16 9.34 -0.46
N LEU B 343 12.20 9.00 0.85
CA LEU B 343 11.07 8.33 1.56
C LEU B 343 10.62 7.11 0.76
N GLY B 344 9.38 7.03 0.28
CA GLY B 344 8.97 5.80 -0.38
C GLY B 344 9.64 5.55 -1.70
N ALA B 345 10.32 6.52 -2.31
CA ALA B 345 11.11 6.32 -3.53
C ALA B 345 12.56 5.96 -3.17
N ALA B 346 13.00 6.10 -1.91
CA ALA B 346 14.42 5.77 -1.56
C ALA B 346 14.83 4.38 -2.00
N GLY B 347 14.02 3.38 -1.65
CA GLY B 347 14.35 1.99 -1.96
C GLY B 347 14.38 1.74 -3.44
N ALA B 348 13.61 2.51 -4.21
CA ALA B 348 13.56 2.30 -5.67
C ALA B 348 14.84 2.84 -6.33
N VAL B 349 15.22 4.06 -5.99
CA VAL B 349 16.43 4.66 -6.61
C VAL B 349 17.67 3.92 -6.07
N GLU B 350 17.60 3.41 -4.82
CA GLU B 350 18.78 2.70 -4.25
C GLU B 350 18.89 1.30 -4.82
N ALA B 351 17.79 0.62 -5.17
CA ALA B 351 17.87 -0.66 -5.93
C ALA B 351 18.54 -0.42 -7.27
N ILE B 352 18.24 0.70 -7.91
CA ILE B 352 18.87 1.02 -9.22
C ILE B 352 20.37 1.22 -9.00
N PHE B 353 20.74 1.98 -7.97
CA PHE B 353 22.17 2.24 -7.70
C PHE B 353 22.88 0.94 -7.35
N SER B 354 22.20 0.00 -6.68
CA SER B 354 22.82 -1.31 -6.34
C SER B 354 23.07 -2.11 -7.60
N VAL B 355 22.14 -2.11 -8.54
CA VAL B 355 22.27 -2.79 -9.85
C VAL B 355 23.44 -2.15 -10.62
N LEU B 356 23.55 -0.84 -10.62
CA LEU B 356 24.65 -0.17 -11.37
C LEU B 356 25.99 -0.44 -10.68
N ALA B 357 26.02 -0.59 -9.37
CA ALA B 357 27.28 -0.96 -8.66
C ALA B 357 27.76 -2.29 -9.23
N LEU B 358 26.85 -3.22 -9.48
CA LEU B 358 27.16 -4.56 -10.06
C LEU B 358 27.61 -4.36 -11.51
N ARG B 359 26.91 -3.58 -12.32
CA ARG B 359 27.31 -3.37 -13.72
C ARG B 359 28.71 -2.74 -13.80
N ASP B 360 29.02 -1.78 -12.94
CA ASP B 360 30.24 -0.93 -13.13
C ASP B 360 31.34 -1.33 -12.15
N GLN B 361 31.07 -2.30 -11.27
CA GLN B 361 32.09 -2.81 -10.29
C GLN B 361 32.65 -1.62 -9.53
N VAL B 362 31.78 -0.87 -8.87
CA VAL B 362 32.20 0.31 -8.09
C VAL B 362 31.18 0.51 -6.97
N ALA B 363 31.70 0.74 -5.77
CA ALA B 363 30.91 1.16 -4.61
C ALA B 363 30.79 2.67 -4.61
N PRO B 364 29.56 3.23 -4.67
CA PRO B 364 29.40 4.65 -4.52
C PRO B 364 29.83 5.17 -3.17
N PRO B 365 30.23 6.46 -3.08
CA PRO B 365 30.75 7.01 -1.82
C PRO B 365 29.64 7.31 -0.82
N THR B 366 29.99 7.31 0.45
CA THR B 366 29.25 8.08 1.46
C THR B 366 29.95 9.42 1.54
N ILE B 367 29.45 10.48 0.92
CA ILE B 367 30.07 11.82 1.09
C ILE B 367 29.80 12.39 2.50
N ASN B 368 30.60 13.38 2.89
CA ASN B 368 30.46 14.15 4.16
C ASN B 368 30.87 13.32 5.39
N LEU B 369 31.50 12.16 5.20
CA LEU B 369 31.81 11.26 6.34
C LEU B 369 33.19 11.69 6.85
N ASP B 370 33.23 12.86 7.47
CA ASP B 370 34.49 13.57 7.83
C ASP B 370 35.04 12.98 9.10
N ASN B 371 34.17 12.63 10.05
CA ASN B 371 34.52 12.13 11.40
C ASN B 371 33.56 11.01 11.76
N PRO B 372 33.86 9.76 11.34
CA PRO B 372 33.05 8.61 11.72
C PRO B 372 32.79 8.58 13.22
N ASP B 373 31.56 8.26 13.57
CA ASP B 373 31.07 8.28 14.97
C ASP B 373 31.61 7.03 15.66
N GLU B 374 31.45 6.97 16.97
CA GLU B 374 31.87 5.81 17.83
C GLU B 374 31.36 4.52 17.21
N GLY B 375 32.26 3.58 16.90
CA GLY B 375 31.88 2.25 16.42
C GLY B 375 31.56 2.19 14.92
N CYS B 376 31.62 3.32 14.23
CA CYS B 376 31.31 3.39 12.77
C CYS B 376 32.60 3.09 12.00
N ASP B 377 33.19 1.91 12.22
CA ASP B 377 34.57 1.64 11.76
C ASP B 377 34.55 0.66 10.59
N LEU B 378 33.38 0.46 9.95
CA LEU B 378 33.28 -0.40 8.76
C LEU B 378 33.87 0.30 7.54
N ASP B 379 33.93 -0.38 6.41
CA ASP B 379 34.31 0.27 5.15
C ASP B 379 33.05 1.00 4.63
N LEU B 380 32.92 2.27 4.96
CA LEU B 380 31.73 3.09 4.64
C LEU B 380 31.97 3.88 3.37
N VAL B 381 33.04 3.56 2.63
CA VAL B 381 33.38 4.21 1.35
C VAL B 381 33.35 5.73 1.51
N ALA B 382 34.03 6.25 2.54
CA ALA B 382 34.01 7.71 2.77
C ALA B 382 34.54 8.49 1.55
N HIS B 383 33.80 9.55 1.21
CA HIS B 383 34.20 10.68 0.34
C HIS B 383 34.23 10.32 -1.14
N GLU B 384 34.85 9.20 -1.53
CA GLU B 384 35.11 8.87 -2.94
C GLU B 384 34.69 7.44 -3.32
N ALA B 385 34.18 7.29 -4.54
CA ALA B 385 33.80 5.99 -5.13
C ALA B 385 34.98 5.03 -5.04
N LYS B 386 34.69 3.76 -4.82
CA LYS B 386 35.73 2.70 -4.71
C LYS B 386 35.42 1.60 -5.73
N PRO B 387 36.19 1.54 -6.84
CA PRO B 387 36.19 0.39 -7.72
C PRO B 387 36.60 -0.83 -6.91
N ARG B 388 35.85 -1.91 -7.09
CA ARG B 388 36.09 -3.17 -6.37
C ARG B 388 35.30 -4.30 -7.00
N LYS B 389 35.57 -5.52 -6.56
CA LYS B 389 34.78 -6.67 -7.01
C LYS B 389 33.42 -6.67 -6.31
N ILE B 390 32.36 -6.75 -7.09
CA ILE B 390 30.98 -6.87 -6.52
C ILE B 390 30.23 -7.93 -7.31
N ASP B 391 29.99 -9.07 -6.70
CA ASP B 391 29.14 -10.10 -7.30
C ASP B 391 27.73 -10.06 -6.69
N VAL B 392 27.66 -9.67 -5.41
CA VAL B 392 26.39 -9.69 -4.66
C VAL B 392 26.26 -8.35 -3.98
N ALA B 393 25.13 -7.67 -4.17
CA ALA B 393 24.83 -6.33 -3.61
C ALA B 393 23.49 -6.41 -2.87
N LEU B 394 23.46 -5.83 -1.70
CA LEU B 394 22.20 -5.77 -0.88
C LEU B 394 21.75 -4.32 -0.88
N SER B 395 20.44 -4.11 -0.80
CA SER B 395 19.86 -2.77 -0.58
C SER B 395 18.86 -2.87 0.55
N ASN B 396 19.06 -2.07 1.60
CA ASN B 396 18.24 -2.07 2.82
C ASN B 396 17.36 -0.80 2.91
N SER B 397 16.15 -0.99 3.43
CA SER B 397 15.25 0.13 3.80
C SER B 397 14.59 -0.20 5.13
N PHE B 398 14.51 0.82 6.01
CA PHE B 398 13.88 0.72 7.35
C PHE B 398 12.91 1.92 7.41
N GLY B 399 11.74 1.68 7.92
CA GLY B 399 10.68 2.71 7.86
C GLY B 399 9.95 2.85 9.17
N PHE B 400 9.12 3.91 9.25
CA PHE B 400 8.20 4.10 10.37
C PHE B 400 7.38 2.85 10.57
N GLY B 401 7.08 2.56 11.83
CA GLY B 401 6.40 1.31 12.20
C GLY B 401 7.33 0.14 12.40
N GLY B 402 8.62 0.36 12.20
CA GLY B 402 9.63 -0.70 12.31
C GLY B 402 9.55 -1.67 11.14
N THR B 403 9.11 -1.16 9.97
CA THR B 403 8.99 -2.04 8.78
C THR B 403 10.31 -2.08 8.01
N ASN B 404 10.84 -3.27 7.74
CA ASN B 404 12.18 -3.48 7.15
C ASN B 404 12.03 -4.21 5.83
N GLY B 405 12.88 -3.87 4.90
CA GLY B 405 13.03 -4.58 3.64
C GLY B 405 14.48 -4.68 3.25
N THR B 406 14.82 -5.77 2.58
CA THR B 406 16.16 -6.01 2.01
C THR B 406 16.03 -6.70 0.65
N LEU B 407 16.70 -6.15 -0.33
CA LEU B 407 16.81 -6.81 -1.64
C LEU B 407 18.25 -7.32 -1.82
N VAL B 408 18.39 -8.46 -2.50
CA VAL B 408 19.72 -9.06 -2.83
C VAL B 408 19.77 -9.23 -4.35
N PHE B 409 20.71 -8.54 -4.96
CA PHE B 409 20.98 -8.55 -6.41
C PHE B 409 22.31 -9.32 -6.61
N ARG B 410 22.39 -10.04 -7.72
CA ARG B 410 23.62 -10.77 -8.11
C ARG B 410 23.95 -10.45 -9.57
N ARG B 411 25.24 -10.39 -9.89
CA ARG B 411 25.71 -10.29 -11.29
C ARG B 411 25.09 -11.42 -12.10
N PHE B 412 24.69 -11.13 -13.34
CA PHE B 412 24.12 -12.13 -14.27
C PHE B 412 25.08 -12.34 -15.45
N ALA B 413 25.49 -13.58 -15.76
CA ALA B 413 26.28 -13.89 -16.98
C ALA B 413 25.85 -15.25 -17.56
C4 Q63 C . -1.90 11.19 2.03
C4 Q63 C . -3.40 10.84 2.24
C5 Q63 C . -3.33 10.50 2.29
C5 Q63 C . -1.89 11.17 1.98
C6 Q63 C . -3.94 9.88 1.03
C6 Q63 C . -0.94 10.43 2.96
C7 Q63 C . -5.68 10.65 -0.63
C7 Q63 C . 0.22 11.13 4.98
C8 Q63 C . -6.65 11.86 -0.84
C8 Q63 C . 0.39 12.50 5.65
N Q63 C . -0.68 9.93 3.88
N Q63 C . -4.26 9.49 0.26
C Q63 C . 0.96 12.13 6.00
C Q63 C . -6.79 11.43 -1.35
O Q63 C . 0.06 10.29 4.90
O Q63 C . -5.17 9.69 -0.67
C1 Q63 C . 0.23 11.60 4.89
C1 Q63 C . -5.69 10.97 -0.52
C2 Q63 C . -0.40 12.13 3.82
C2 Q63 C . -5.08 11.57 0.50
C3 Q63 C . -1.00 11.01 3.20
C3 Q63 C . -4.19 10.60 0.99
F Q63 C . -3.32 9.63 3.30
F Q63 C . -1.57 10.84 0.75
O1 Q63 C . -1.40 10.65 0.90
O1 Q63 C . -3.37 9.66 2.93
O2 Q63 C . -3.69 8.78 0.50
O2 Q63 C . -0.51 9.26 2.91
O3 Q63 C . -4.87 10.82 0.58
O3 Q63 C . -0.61 11.34 3.89
S DMS D . -4.01 -18.79 -0.92
O DMS D . -2.85 -18.43 -1.82
C1 DMS D . -5.42 -18.84 -2.00
C2 DMS D . -3.99 -20.54 -0.65
S DMS E . -22.04 -22.20 -17.11
O DMS E . -23.32 -22.62 -16.36
C1 DMS E . -20.74 -22.41 -15.85
C2 DMS E . -21.67 -23.66 -18.07
S DMS F . -3.67 19.72 14.88
O DMS F . -2.34 20.40 14.59
C1 DMS F . -4.76 20.96 15.56
C2 DMS F . -3.43 18.77 16.36
S DMS G . 5.68 8.65 -22.53
O DMS G . 6.57 7.59 -22.96
C1 DMS G . 5.47 9.70 -23.98
C2 DMS G . 4.03 8.00 -22.45
S DMS H . -1.26 -5.56 -29.89
O DMS H . -0.89 -7.05 -29.94
C1 DMS H . 0.12 -4.67 -30.60
C2 DMS H . -2.44 -5.33 -31.21
S DMS I . 12.32 -13.68 -6.18
O DMS I . 11.27 -14.33 -5.32
C1 DMS I . 13.62 -13.14 -5.08
C2 DMS I . 13.22 -15.01 -6.95
S DMS J . -6.31 17.99 -8.97
O DMS J . -6.34 18.61 -7.59
C1 DMS J . -6.44 19.35 -10.11
C2 DMS J . -4.62 17.56 -9.32
S DMS K . 15.13 6.81 -21.39
O DMS K . 14.91 5.35 -20.92
C1 DMS K . 15.80 7.72 -20.02
C2 DMS K . 13.57 7.57 -21.47
S DMS L . -1.01 20.08 -10.35
O DMS L . -1.32 18.67 -9.93
C1 DMS L . 0.60 20.03 -11.09
C2 DMS L . -0.58 20.96 -8.87
S DMS M . 5.04 -0.66 -25.91
O DMS M . 4.49 -2.02 -26.33
C1 DMS M . 4.21 0.58 -26.89
C2 DMS M . 6.67 -0.44 -26.64
P PO4 N . 5.19 -13.22 -24.86
O1 PO4 N . 4.09 -13.02 -25.83
O2 PO4 N . 6.31 -14.08 -25.52
O3 PO4 N . 5.79 -11.89 -24.39
O4 PO4 N . 4.64 -14.02 -23.64
#